data_6Q3R
#
_entry.id   6Q3R
#
_cell.length_a   200.200
_cell.length_b   200.200
_cell.length_c   106.830
_cell.angle_alpha   90.00
_cell.angle_beta   90.00
_cell.angle_gamma   90.00
#
_symmetry.space_group_name_H-M   'I 41 2 2'
#
loop_
_entity.id
_entity.type
_entity.pdbx_description
1 polymer 'Arabinogalactan endo-beta-1,4-galactanase'
2 branched beta-D-mannopyranose-(1-4)-2-acetamido-2-deoxy-beta-D-glucopyranose-(1-4)-2-acetamido-2-deoxy-beta-D-glucopyranose
3 branched beta-D-galactopyranose-(1-4)-beta-D-galactopyranose
4 non-polymer DI(HYDROXYETHYL)ETHER
5 non-polymer 'CALCIUM ION'
6 non-polymer 'TETRAETHYLENE GLYCOL'
7 non-polymer 1,2-ETHANEDIOL
8 non-polymer 'ACETATE ION'
9 non-polymer 1-(2-METHOXY-ETHOXY)-2-{2-[2-(2-METHOXY-ETHOXY]-ETHOXY}-ETHANE
10 non-polymer 'TRIETHYLENE GLYCOL'
11 water water
#
_entity_poly.entity_id   1
_entity_poly.type   'polypeptide(L)'
_entity_poly.pdbx_seq_one_letter_code
;ALTYRGADISSLLLLEDEGYSYKNLNGQTQALETILADAGINSIRQRVWVNPSDGSYDLDYNLELAKRVKAAGMSLYLDL
HLSDTWADPSDQTTPSGWSTTDLGTLKWQLYNYTLEVCNTFAENDIDIEIISIGNEIRAGLLWPLGETSSYSNIGALLHS
GAWGVKDSNLATTPKIMIHLDDGWSWDQQNYFYETVLATGELLSTDFDYFGVSYYPFYSASATLASLKTSLANLQSTYDK
PVVVVETNWPVSCPNPAYAFPSDLSSIPFSVAGQQEFLEKLAAVVEATTDGLGVYYWEPAWIGNAGLGSSCADNLMVDYT
TDEVYESIETLGEL
;
_entity_poly.pdbx_strand_id   A,B
#
loop_
_chem_comp.id
_chem_comp.type
_chem_comp.name
_chem_comp.formula
ACT non-polymer 'ACETATE ION' 'C2 H3 O2 -1'
BMA D-saccharide, beta linking beta-D-mannopyranose 'C6 H12 O6'
CA non-polymer 'CALCIUM ION' 'Ca 2'
EDO non-polymer 1,2-ETHANEDIOL 'C2 H6 O2'
GAL D-saccharide, beta linking beta-D-galactopyranose 'C6 H12 O6'
NAG D-saccharide, beta linking 2-acetamido-2-deoxy-beta-D-glucopyranose 'C8 H15 N O6'
PEG non-polymer DI(HYDROXYETHYL)ETHER 'C4 H10 O3'
PG4 non-polymer 'TETRAETHYLENE GLYCOL' 'C8 H18 O5'
PG6 non-polymer 1-(2-METHOXY-ETHOXY)-2-{2-[2-(2-METHOXY-ETHOXY]-ETHOXY}-ETHANE 'C12 H26 O6'
PGE non-polymer 'TRIETHYLENE GLYCOL' 'C6 H14 O4'
#
# COMPACT_ATOMS: atom_id res chain seq x y z
N ALA A 1 -22.59 -13.66 20.31
CA ALA A 1 -22.09 -12.52 19.54
C ALA A 1 -22.79 -12.41 18.17
N LEU A 2 -22.72 -11.21 17.61
CA LEU A 2 -23.15 -10.97 16.26
C LEU A 2 -22.16 -11.64 15.37
N THR A 3 -22.63 -12.14 14.23
CA THR A 3 -21.79 -12.71 13.18
C THR A 3 -20.70 -11.71 12.73
N TYR A 4 -21.12 -10.46 12.50
CA TYR A 4 -20.22 -9.41 12.00
C TYR A 4 -20.15 -8.23 13.02
N ARG A 5 -18.95 -7.91 13.48
CA ARG A 5 -18.67 -6.73 14.35
C ARG A 5 -17.56 -5.93 13.66
N GLY A 6 -17.95 -4.87 12.98
CA GLY A 6 -17.04 -4.20 12.08
C GLY A 6 -16.84 -2.67 12.21
N ALA A 7 -15.89 -2.19 11.44
CA ALA A 7 -15.60 -0.83 11.34
C ALA A 7 -15.31 -0.48 9.87
N ASP A 8 -15.70 0.71 9.47
CA ASP A 8 -15.29 1.25 8.20
C ASP A 8 -14.09 2.17 8.49
N ILE A 9 -12.89 1.79 8.04
CA ILE A 9 -11.70 2.63 8.27
C ILE A 9 -11.08 3.06 6.94
N SER A 10 -11.95 3.34 5.98
CA SER A 10 -11.49 3.74 4.67
C SER A 10 -10.39 4.81 4.70
N SER A 11 -10.50 5.75 5.63
CA SER A 11 -9.57 6.90 5.69
C SER A 11 -8.12 6.54 6.00
N LEU A 12 -7.90 5.31 6.49
CA LEU A 12 -6.62 4.91 7.08
C LEU A 12 -5.35 5.24 6.28
N LEU A 13 -5.36 4.87 4.99
CA LEU A 13 -4.18 4.98 4.17
C LEU A 13 -3.88 6.44 3.91
N LEU A 14 -4.93 7.25 3.72
CA LEU A 14 -4.77 8.72 3.56
C LEU A 14 -4.19 9.38 4.78
N LEU A 15 -4.57 8.86 5.95
CA LEU A 15 -4.18 9.40 7.23
C LEU A 15 -2.77 8.99 7.59
N GLU A 16 -2.42 7.72 7.37
CA GLU A 16 -1.02 7.32 7.42
C GLU A 16 -0.11 8.17 6.50
N ASP A 17 -0.61 8.54 5.31
CA ASP A 17 0.19 9.35 4.37
C ASP A 17 0.55 10.70 4.99
N GLU A 18 -0.38 11.30 5.72
CA GLU A 18 -0.16 12.60 6.34
C GLU A 18 0.80 12.59 7.54
N GLY A 19 1.12 11.38 8.03
CA GLY A 19 2.07 11.16 9.12
C GLY A 19 1.51 10.23 10.21
N TYR A 20 0.19 10.35 10.44
CA TYR A 20 -0.47 9.82 11.64
C TYR A 20 -0.25 8.36 11.89
N SER A 21 -0.36 7.99 13.16
CA SER A 21 -0.18 6.62 13.62
C SER A 21 -1.03 6.39 14.88
N TYR A 22 -1.29 5.13 15.20
CA TYR A 22 -2.25 4.77 16.26
C TYR A 22 -1.63 3.95 17.42
N LYS A 23 -2.22 4.10 18.62
CA LYS A 23 -1.75 3.42 19.82
C LYS A 23 -2.81 2.45 20.25
N ASN A 24 -2.37 1.33 20.77
CA ASN A 24 -3.32 0.31 21.19
C ASN A 24 -3.75 0.68 22.59
N LEU A 25 -4.60 -0.17 23.14
CA LEU A 25 -5.06 -0.04 24.50
C LEU A 25 -3.98 -0.03 25.57
N ASN A 26 -2.77 -0.49 25.25
CA ASN A 26 -1.68 -0.55 26.23
C ASN A 26 -0.62 0.54 25.96
N GLY A 27 -0.97 1.51 25.12
CA GLY A 27 -0.12 2.64 24.82
C GLY A 27 0.94 2.42 23.78
N GLN A 28 1.00 1.23 23.18
CA GLN A 28 2.06 0.89 22.22
C GLN A 28 1.50 1.18 20.82
N THR A 29 2.27 1.89 20.01
CA THR A 29 2.02 2.07 18.60
C THR A 29 1.87 0.77 17.84
N GLN A 30 0.89 0.72 16.95
CA GLN A 30 0.55 -0.50 16.26
C GLN A 30 -0.34 -0.12 15.04
N ALA A 31 -0.34 -0.94 13.98
CA ALA A 31 -1.25 -0.71 12.85
C ALA A 31 -2.75 -0.83 13.30
N LEU A 32 -3.55 0.14 12.88
CA LEU A 32 -4.93 0.22 13.29
C LEU A 32 -5.71 -1.08 13.04
N GLU A 33 -5.45 -1.77 11.93
CA GLU A 33 -6.22 -2.99 11.63
C GLU A 33 -5.89 -4.12 12.59
N THR A 34 -4.66 -4.13 13.14
CA THR A 34 -4.27 -5.22 14.07
C THR A 34 -4.85 -4.92 15.44
N ILE A 35 -4.83 -3.63 15.82
CA ILE A 35 -5.50 -3.12 17.04
C ILE A 35 -6.98 -3.52 17.07
N LEU A 36 -7.67 -3.21 15.96
CA LEU A 36 -9.08 -3.51 15.83
C LEU A 36 -9.31 -4.99 15.82
N ALA A 37 -8.49 -5.72 15.09
CA ALA A 37 -8.66 -7.20 15.00
C ALA A 37 -8.57 -7.82 16.39
N ASP A 38 -7.66 -7.25 17.17
CA ASP A 38 -7.34 -7.73 18.48
C ASP A 38 -8.52 -7.42 19.43
N ALA A 39 -9.24 -6.33 19.19
CA ALA A 39 -10.45 -6.04 19.95
C ALA A 39 -11.69 -6.94 19.70
N GLY A 40 -11.64 -7.85 18.73
CA GLY A 40 -12.81 -8.69 18.37
C GLY A 40 -13.49 -8.25 17.07
N ILE A 41 -12.97 -7.15 16.49
CA ILE A 41 -13.46 -6.66 15.24
C ILE A 41 -13.03 -7.70 14.18
N ASN A 42 -14.03 -8.39 13.62
CA ASN A 42 -13.81 -9.41 12.60
C ASN A 42 -14.06 -9.00 11.15
N SER A 43 -14.39 -7.74 10.86
CA SER A 43 -14.77 -7.31 9.48
C SER A 43 -14.56 -5.83 9.21
N ILE A 44 -13.99 -5.52 8.06
CA ILE A 44 -13.65 -4.13 7.71
C ILE A 44 -14.40 -3.69 6.49
N ARG A 45 -15.08 -2.56 6.59
CA ARG A 45 -15.86 -2.01 5.50
C ARG A 45 -15.04 -0.95 4.78
N GLN A 46 -15.03 -0.96 3.44
CA GLN A 46 -14.23 0.00 2.64
C GLN A 46 -15.05 0.65 1.53
N ARG A 47 -15.01 1.98 1.44
CA ARG A 47 -15.73 2.68 0.38
C ARG A 47 -14.91 2.71 -0.88
N VAL A 48 -15.59 2.50 -2.01
CA VAL A 48 -14.90 2.49 -3.33
C VAL A 48 -15.44 3.59 -4.24
N TRP A 49 -14.52 4.41 -4.72
CA TRP A 49 -14.82 5.41 -5.72
C TRP A 49 -14.25 4.98 -7.07
N VAL A 50 -14.81 5.51 -8.15
CA VAL A 50 -14.56 4.99 -9.48
C VAL A 50 -13.38 5.69 -10.11
N ASN A 51 -13.44 6.98 -10.42
CA ASN A 51 -12.27 7.69 -10.97
C ASN A 51 -12.12 9.01 -10.30
N PRO A 52 -11.75 9.01 -9.03
CA PRO A 52 -11.52 10.30 -8.36
C PRO A 52 -10.23 10.94 -8.87
N SER A 53 -10.20 12.27 -9.05
CA SER A 53 -9.00 13.03 -9.51
C SER A 53 -7.75 12.52 -8.84
N ASP A 54 -7.76 12.56 -7.52
CA ASP A 54 -6.59 12.35 -6.69
C ASP A 54 -6.44 10.92 -6.24
N GLY A 55 -7.26 10.02 -6.77
CA GLY A 55 -7.11 8.58 -6.47
C GLY A 55 -7.50 8.10 -5.07
N SER A 56 -8.19 8.94 -4.31
CA SER A 56 -8.74 8.57 -3.03
C SER A 56 -9.82 7.51 -3.17
N TYR A 57 -9.64 6.42 -2.46
CA TYR A 57 -10.63 5.37 -2.39
C TYR A 57 -10.85 4.64 -3.71
N ASP A 58 -9.93 4.81 -4.66
CA ASP A 58 -10.00 4.04 -5.92
C ASP A 58 -9.72 2.57 -5.68
N LEU A 59 -9.79 1.80 -6.77
CA LEU A 59 -9.53 0.36 -6.73
C LEU A 59 -8.15 0.02 -6.15
N ASP A 60 -7.13 0.83 -6.47
CA ASP A 60 -5.76 0.54 -6.06
C ASP A 60 -5.54 0.77 -4.58
N TYR A 61 -6.00 1.93 -4.13
CA TYR A 61 -6.22 2.21 -2.72
C TYR A 61 -6.86 1.06 -1.97
N ASN A 62 -7.94 0.51 -2.52
CA ASN A 62 -8.70 -0.50 -1.80
C ASN A 62 -7.99 -1.86 -1.75
N LEU A 63 -7.28 -2.20 -2.81
CA LEU A 63 -6.50 -3.42 -2.80
C LEU A 63 -5.40 -3.35 -1.75
N GLU A 64 -4.70 -2.22 -1.71
CA GLU A 64 -3.66 -1.96 -0.72
C GLU A 64 -4.18 -2.15 0.71
N LEU A 65 -5.34 -1.51 0.97
CA LEU A 65 -5.98 -1.57 2.28
C LEU A 65 -6.55 -2.98 2.57
N ALA A 66 -7.19 -3.59 1.60
CA ALA A 66 -7.74 -4.92 1.78
C ALA A 66 -6.69 -6.06 2.06
N LYS A 67 -5.50 -5.97 1.46
CA LYS A 67 -4.37 -6.89 1.76
C LYS A 67 -4.13 -6.87 3.23
N ARG A 68 -4.01 -5.66 3.80
CA ARG A 68 -3.79 -5.49 5.25
C ARG A 68 -4.92 -6.07 6.11
N VAL A 69 -6.17 -5.94 5.63
CA VAL A 69 -7.37 -6.49 6.31
C VAL A 69 -7.35 -7.99 6.30
N LYS A 70 -7.10 -8.56 5.11
CA LYS A 70 -6.87 -10.00 4.94
C LYS A 70 -5.74 -10.45 5.91
N ALA A 71 -4.58 -9.80 5.87
CA ALA A 71 -3.43 -10.24 6.72
C ALA A 71 -3.82 -10.33 8.21
N ALA A 72 -4.53 -9.30 8.65
CA ALA A 72 -4.99 -9.17 10.00
C ALA A 72 -6.04 -10.18 10.43
N GLY A 73 -6.63 -10.94 9.51
CA GLY A 73 -7.57 -12.03 9.87
C GLY A 73 -9.04 -11.73 9.70
N MET A 74 -9.34 -10.50 9.26
CA MET A 74 -10.71 -9.95 9.19
C MET A 74 -11.28 -10.05 7.77
N SER A 75 -12.60 -10.18 7.68
CA SER A 75 -13.31 -10.22 6.40
C SER A 75 -13.48 -8.82 5.79
N LEU A 76 -13.78 -8.78 4.50
CA LEU A 76 -13.81 -7.53 3.76
C LEU A 76 -15.22 -7.25 3.23
N TYR A 77 -15.72 -6.03 3.46
CA TYR A 77 -16.98 -5.58 2.88
C TYR A 77 -16.68 -4.36 2.02
N LEU A 78 -16.83 -4.49 0.69
CA LEU A 78 -16.72 -3.32 -0.17
C LEU A 78 -18.07 -2.60 -0.33
N ASP A 79 -18.02 -1.29 -0.11
CA ASP A 79 -19.13 -0.35 -0.18
C ASP A 79 -18.92 0.50 -1.45
N LEU A 80 -19.54 0.03 -2.54
CA LEU A 80 -19.35 0.66 -3.84
C LEU A 80 -20.17 1.92 -3.85
N HIS A 81 -19.48 3.04 -3.85
CA HIS A 81 -20.17 4.31 -3.87
C HIS A 81 -20.77 4.57 -5.28
N LEU A 82 -20.19 3.92 -6.30
CA LEU A 82 -20.62 4.04 -7.68
C LEU A 82 -20.62 5.51 -8.08
N SER A 83 -19.52 6.17 -7.75
CA SER A 83 -19.34 7.61 -8.02
C SER A 83 -17.86 7.97 -7.88
N ASP A 84 -17.48 9.18 -8.28
CA ASP A 84 -16.09 9.62 -8.12
C ASP A 84 -15.86 10.30 -6.78
N THR A 85 -16.94 10.48 -6.02
CA THR A 85 -16.84 11.19 -4.74
C THR A 85 -17.97 10.68 -3.88
N TRP A 86 -18.13 11.30 -2.72
CA TRP A 86 -19.19 10.90 -1.77
C TRP A 86 -20.53 10.70 -2.45
N ALA A 87 -21.13 9.57 -2.11
CA ALA A 87 -22.44 9.16 -2.51
C ALA A 87 -23.32 9.07 -1.25
N ASP A 88 -24.48 9.70 -1.31
CA ASP A 88 -25.44 9.71 -0.18
C ASP A 88 -26.79 10.15 -0.76
N PRO A 89 -27.82 10.30 0.07
CA PRO A 89 -29.12 10.60 -0.55
C PRO A 89 -29.30 11.97 -1.27
N SER A 90 -28.31 12.84 -1.21
CA SER A 90 -28.40 14.12 -1.87
C SER A 90 -27.24 14.37 -2.86
N ASP A 91 -26.32 13.42 -2.98
CA ASP A 91 -25.28 13.44 -4.00
CA ASP A 91 -25.38 13.44 -4.09
C ASP A 91 -25.11 11.99 -4.50
N GLN A 92 -25.60 11.66 -5.71
CA GLN A 92 -25.30 10.38 -6.37
C GLN A 92 -24.75 10.65 -7.77
N THR A 93 -23.55 11.26 -7.82
CA THR A 93 -23.01 11.75 -9.10
C THR A 93 -22.44 10.57 -9.85
N THR A 94 -23.08 10.28 -10.99
CA THR A 94 -22.56 9.31 -11.94
C THR A 94 -21.08 9.56 -12.20
N PRO A 95 -20.26 8.47 -12.22
CA PRO A 95 -18.80 8.60 -12.51
C PRO A 95 -18.52 9.30 -13.83
N SER A 96 -17.48 10.11 -13.87
CA SER A 96 -17.17 10.77 -15.13
C SER A 96 -16.75 9.67 -16.11
N GLY A 97 -17.21 9.83 -17.35
CA GLY A 97 -17.03 8.79 -18.35
C GLY A 97 -18.23 7.89 -18.49
N TRP A 98 -19.05 7.75 -17.44
CA TRP A 98 -20.28 6.91 -17.51
C TRP A 98 -21.48 7.76 -18.04
N SER A 99 -22.52 7.09 -18.51
CA SER A 99 -23.58 7.75 -19.25
C SER A 99 -24.54 8.49 -18.32
N THR A 100 -24.86 9.72 -18.69
CA THR A 100 -25.93 10.43 -18.06
C THR A 100 -27.11 10.52 -19.01
N THR A 101 -27.06 9.78 -20.11
CA THR A 101 -28.05 9.89 -21.18
C THR A 101 -28.60 8.58 -21.74
N ASP A 102 -27.93 7.43 -21.53
CA ASP A 102 -28.39 6.15 -22.09
C ASP A 102 -28.34 5.03 -21.06
N LEU A 103 -29.48 4.51 -20.66
CA LEU A 103 -29.58 3.48 -19.61
C LEU A 103 -28.85 2.22 -20.07
N GLY A 104 -29.06 1.85 -21.33
CA GLY A 104 -28.47 0.65 -21.88
C GLY A 104 -26.97 0.64 -21.74
N THR A 105 -26.39 1.80 -22.00
CA THR A 105 -24.99 2.04 -21.82
C THR A 105 -24.53 2.11 -20.34
N LEU A 106 -25.32 2.72 -19.44
CA LEU A 106 -24.94 2.84 -18.03
C LEU A 106 -24.95 1.48 -17.38
N LYS A 107 -25.98 0.69 -17.68
CA LYS A 107 -26.05 -0.69 -17.20
C LYS A 107 -24.83 -1.50 -17.59
N TRP A 108 -24.36 -1.35 -18.80
CA TRP A 108 -23.18 -2.08 -19.28
C TRP A 108 -21.95 -1.63 -18.54
N GLN A 109 -21.83 -0.33 -18.32
CA GLN A 109 -20.69 0.21 -17.61
C GLN A 109 -20.66 -0.31 -16.16
N LEU A 110 -21.83 -0.36 -15.53
CA LEU A 110 -21.97 -0.86 -14.18
C LEU A 110 -21.67 -2.37 -14.06
N TYR A 111 -22.29 -3.20 -14.91
CA TYR A 111 -21.93 -4.63 -15.03
C TYR A 111 -20.41 -4.77 -15.19
N ASN A 112 -19.85 -4.06 -16.14
CA ASN A 112 -18.45 -4.17 -16.36
C ASN A 112 -17.67 -3.80 -15.12
N TYR A 113 -18.06 -2.70 -14.48
CA TYR A 113 -17.38 -2.26 -13.26
C TYR A 113 -17.42 -3.28 -12.13
N THR A 114 -18.62 -3.82 -11.79
CA THR A 114 -18.67 -4.74 -10.66
C THR A 114 -17.92 -6.03 -11.00
N LEU A 115 -17.97 -6.41 -12.27
CA LEU A 115 -17.39 -7.66 -12.74
C LEU A 115 -15.91 -7.63 -12.55
N GLU A 116 -15.38 -6.48 -12.87
CA GLU A 116 -13.99 -6.38 -13.07
C GLU A 116 -13.35 -5.83 -11.77
N VAL A 117 -14.14 -5.18 -10.92
CA VAL A 117 -13.70 -4.92 -9.55
C VAL A 117 -13.49 -6.29 -8.93
N CYS A 118 -14.54 -7.10 -8.94
CA CYS A 118 -14.44 -8.47 -8.43
C CYS A 118 -13.28 -9.30 -9.03
N ASN A 119 -13.12 -9.29 -10.35
CA ASN A 119 -12.08 -10.09 -11.02
C ASN A 119 -10.67 -9.65 -10.65
N THR A 120 -10.48 -8.36 -10.40
CA THR A 120 -9.18 -7.86 -9.97
C THR A 120 -8.84 -8.31 -8.55
N PHE A 121 -9.87 -8.34 -7.71
CA PHE A 121 -9.74 -8.79 -6.35
C PHE A 121 -9.43 -10.26 -6.38
N ALA A 122 -10.17 -11.06 -7.15
CA ALA A 122 -9.85 -12.49 -7.35
C ALA A 122 -8.44 -12.75 -7.94
N GLU A 123 -8.03 -11.93 -8.89
CA GLU A 123 -6.68 -11.95 -9.43
C GLU A 123 -5.61 -11.70 -8.33
N ASN A 124 -5.82 -10.71 -7.45
CA ASN A 124 -4.90 -10.44 -6.33
C ASN A 124 -5.12 -11.38 -5.13
N ASP A 125 -6.07 -12.29 -5.29
CA ASP A 125 -6.26 -13.40 -4.37
C ASP A 125 -6.84 -12.97 -3.00
N ILE A 126 -7.70 -11.96 -3.04
CA ILE A 126 -8.42 -11.46 -1.88
C ILE A 126 -9.94 -11.76 -1.91
N ASP A 127 -10.44 -12.38 -0.86
CA ASP A 127 -11.84 -12.78 -0.80
C ASP A 127 -12.70 -11.59 -0.40
N ILE A 128 -13.89 -11.44 -0.99
CA ILE A 128 -14.82 -10.39 -0.58
C ILE A 128 -16.04 -11.03 0.04
N GLU A 129 -16.38 -10.59 1.26
CA GLU A 129 -17.48 -11.13 2.04
C GLU A 129 -18.80 -10.49 1.67
N ILE A 130 -18.80 -9.15 1.63
CA ILE A 130 -19.95 -8.36 1.25
C ILE A 130 -19.55 -7.32 0.20
N ILE A 131 -20.40 -7.15 -0.81
CA ILE A 131 -20.32 -5.98 -1.74
C ILE A 131 -21.71 -5.27 -1.86
N SER A 132 -21.75 -3.97 -1.57
CA SER A 132 -22.99 -3.17 -1.73
C SER A 132 -23.00 -2.50 -3.10
N ILE A 133 -24.14 -2.57 -3.77
CA ILE A 133 -24.32 -1.94 -5.08
C ILE A 133 -24.87 -0.54 -4.81
N GLY A 134 -23.99 0.34 -4.38
CA GLY A 134 -24.39 1.67 -3.98
C GLY A 134 -24.25 1.82 -2.50
N ASN A 135 -23.99 3.07 -2.11
CA ASN A 135 -24.10 3.56 -0.74
C ASN A 135 -25.37 4.40 -0.55
N GLU A 136 -26.27 3.98 0.36
CA GLU A 136 -27.46 4.77 0.77
C GLU A 136 -28.34 5.27 -0.40
N ILE A 137 -28.93 4.32 -1.11
CA ILE A 137 -29.50 4.61 -2.40
C ILE A 137 -31.01 4.82 -2.33
N ARG A 138 -31.51 5.26 -1.17
CA ARG A 138 -32.93 5.51 -0.97
C ARG A 138 -33.47 6.59 -1.92
N ALA A 139 -32.58 7.49 -2.35
CA ALA A 139 -32.90 8.51 -3.34
C ALA A 139 -32.26 8.10 -4.65
N GLY A 140 -32.10 6.79 -4.83
CA GLY A 140 -31.50 6.18 -6.00
C GLY A 140 -30.00 6.34 -6.09
N LEU A 141 -29.49 6.19 -7.31
CA LEU A 141 -28.05 6.10 -7.58
C LEU A 141 -27.80 6.51 -9.01
N LEU A 142 -26.54 6.79 -9.35
CA LEU A 142 -26.17 7.06 -10.72
C LEU A 142 -27.11 8.11 -11.42
N TRP A 143 -27.25 9.26 -10.79
CA TRP A 143 -28.14 10.32 -11.28
C TRP A 143 -27.59 10.86 -12.61
N PRO A 144 -28.47 11.16 -13.59
CA PRO A 144 -29.93 11.24 -13.42
C PRO A 144 -30.68 9.98 -13.70
N LEU A 145 -30.05 9.04 -14.40
CA LEU A 145 -30.79 7.93 -14.89
C LEU A 145 -31.39 7.11 -13.78
N GLY A 146 -30.74 7.03 -12.61
CA GLY A 146 -31.27 6.28 -11.48
C GLY A 146 -31.90 7.05 -10.32
N GLU A 147 -32.32 8.29 -10.58
CA GLU A 147 -33.12 9.08 -9.66
C GLU A 147 -34.44 8.34 -9.35
N THR A 148 -35.12 8.69 -8.25
CA THR A 148 -36.34 7.99 -7.83
C THR A 148 -37.63 8.27 -8.63
N SER A 149 -37.55 9.13 -9.63
CA SER A 149 -38.54 9.23 -10.70
C SER A 149 -38.59 7.93 -11.55
N SER A 150 -37.56 7.08 -11.47
CA SER A 150 -37.53 5.80 -12.17
C SER A 150 -36.99 4.67 -11.24
N TYR A 151 -37.90 4.05 -10.52
CA TYR A 151 -37.59 2.87 -9.73
C TYR A 151 -37.30 1.70 -10.68
N SER A 152 -37.98 1.69 -11.81
CA SER A 152 -37.66 0.77 -12.91
C SER A 152 -36.16 0.89 -13.30
N ASN A 153 -35.65 2.08 -13.52
CA ASN A 153 -34.22 2.20 -13.80
C ASN A 153 -33.28 1.72 -12.64
N ILE A 154 -33.62 2.06 -11.40
CA ILE A 154 -32.85 1.72 -10.21
C ILE A 154 -32.76 0.20 -10.12
N GLY A 155 -33.93 -0.44 -10.14
CA GLY A 155 -34.07 -1.88 -10.18
C GLY A 155 -33.21 -2.57 -11.24
N ALA A 156 -33.17 -1.95 -12.42
CA ALA A 156 -32.40 -2.46 -13.55
C ALA A 156 -30.91 -2.25 -13.44
N LEU A 157 -30.51 -1.13 -12.89
CA LEU A 157 -29.11 -0.91 -12.55
C LEU A 157 -28.64 -1.85 -11.41
N LEU A 158 -29.47 -2.09 -10.41
CA LEU A 158 -29.06 -3.03 -9.37
C LEU A 158 -28.84 -4.42 -9.96
N HIS A 159 -29.75 -4.86 -10.84
CA HIS A 159 -29.67 -6.17 -11.50
C HIS A 159 -28.39 -6.25 -12.31
N SER A 160 -28.05 -5.17 -13.00
CA SER A 160 -26.80 -5.22 -13.73
C SER A 160 -25.65 -5.40 -12.76
N GLY A 161 -25.58 -4.60 -11.72
CA GLY A 161 -24.44 -4.63 -10.79
C GLY A 161 -24.25 -5.99 -10.10
N ALA A 162 -25.37 -6.56 -9.69
CA ALA A 162 -25.39 -7.83 -9.04
C ALA A 162 -24.85 -8.89 -9.95
N TRP A 163 -25.27 -8.86 -11.21
CA TRP A 163 -24.87 -9.85 -12.21
C TRP A 163 -23.41 -9.78 -12.58
N GLY A 164 -22.79 -8.64 -12.42
CA GLY A 164 -21.34 -8.57 -12.62
C GLY A 164 -20.61 -9.30 -11.51
N VAL A 165 -21.21 -9.31 -10.31
CA VAL A 165 -20.60 -9.91 -9.15
C VAL A 165 -20.71 -11.41 -9.36
N LYS A 166 -21.93 -11.90 -9.58
CA LYS A 166 -22.17 -13.33 -9.84
C LYS A 166 -21.28 -13.92 -10.97
N ASP A 167 -21.07 -13.16 -12.06
CA ASP A 167 -20.32 -13.62 -13.23
C ASP A 167 -18.80 -13.53 -13.04
N SER A 168 -18.32 -12.95 -11.93
CA SER A 168 -16.88 -12.82 -11.74
C SER A 168 -16.33 -14.18 -11.33
N ASN A 169 -15.00 -14.24 -11.47
CA ASN A 169 -14.12 -15.37 -11.10
C ASN A 169 -13.79 -15.49 -9.59
N LEU A 170 -14.51 -14.80 -8.70
CA LEU A 170 -14.27 -14.96 -7.29
C LEU A 170 -14.61 -16.41 -6.98
N ALA A 171 -13.69 -17.06 -6.26
CA ALA A 171 -13.85 -18.47 -5.86
C ALA A 171 -15.18 -18.67 -5.10
N THR A 172 -15.37 -17.82 -4.08
CA THR A 172 -16.65 -17.70 -3.39
C THR A 172 -17.37 -16.40 -3.80
N THR A 173 -18.66 -16.49 -4.10
CA THR A 173 -19.39 -15.32 -4.54
C THR A 173 -19.71 -14.44 -3.35
N PRO A 174 -19.34 -13.15 -3.41
CA PRO A 174 -19.71 -12.22 -2.34
C PRO A 174 -21.21 -12.12 -2.15
N LYS A 175 -21.61 -11.98 -0.90
CA LYS A 175 -22.99 -11.69 -0.57
CA LYS A 175 -22.98 -11.70 -0.59
C LYS A 175 -23.28 -10.25 -1.03
N ILE A 176 -24.33 -10.09 -1.81
CA ILE A 176 -24.64 -8.82 -2.49
C ILE A 176 -25.63 -8.05 -1.64
N MET A 177 -25.30 -6.80 -1.28
CA MET A 177 -26.16 -5.99 -0.38
C MET A 177 -26.79 -4.79 -1.08
N ILE A 178 -28.01 -4.46 -0.71
CA ILE A 178 -28.60 -3.18 -1.09
C ILE A 178 -28.67 -2.41 0.21
N HIS A 179 -28.17 -1.16 0.17
CA HIS A 179 -27.95 -0.35 1.36
C HIS A 179 -28.74 0.97 1.29
N LEU A 180 -29.63 1.13 2.28
CA LEU A 180 -30.46 2.33 2.42
C LEU A 180 -30.15 3.00 3.74
N ASP A 181 -30.17 4.33 3.75
CA ASP A 181 -30.13 5.10 5.00
C ASP A 181 -31.49 5.02 5.70
N ASP A 182 -31.63 5.80 6.77
CA ASP A 182 -32.82 5.84 7.59
C ASP A 182 -33.29 4.44 7.90
N GLY A 183 -32.40 3.60 8.42
CA GLY A 183 -32.76 2.24 8.81
C GLY A 183 -33.93 2.12 9.77
N TRP A 184 -34.02 3.08 10.68
CA TRP A 184 -35.16 3.18 11.59
C TRP A 184 -36.57 3.26 10.97
N SER A 185 -36.71 3.73 9.73
CA SER A 185 -38.04 3.91 9.13
C SER A 185 -38.51 2.77 8.22
N TRP A 186 -39.44 2.00 8.74
CA TRP A 186 -40.00 0.87 8.01
C TRP A 186 -40.72 1.33 6.72
N ASP A 187 -41.43 2.45 6.80
CA ASP A 187 -42.16 2.96 5.62
C ASP A 187 -41.19 3.35 4.47
N GLN A 188 -40.09 4.04 4.81
CA GLN A 188 -39.01 4.32 3.86
C GLN A 188 -38.40 3.04 3.33
N GLN A 189 -38.09 2.12 4.23
CA GLN A 189 -37.41 0.89 3.83
C GLN A 189 -38.27 0.09 2.87
N ASN A 190 -39.49 -0.15 3.31
CA ASN A 190 -40.45 -0.99 2.59
C ASN A 190 -40.87 -0.36 1.27
N TYR A 191 -41.00 0.97 1.28
CA TYR A 191 -41.40 1.67 0.08
C TYR A 191 -40.41 1.43 -1.05
N PHE A 192 -39.13 1.53 -0.72
CA PHE A 192 -38.12 1.30 -1.72
C PHE A 192 -38.26 -0.12 -2.29
N TYR A 193 -38.27 -1.14 -1.43
CA TYR A 193 -38.13 -2.51 -1.95
C TYR A 193 -39.39 -2.95 -2.69
N GLU A 194 -40.59 -2.75 -2.12
CA GLU A 194 -41.85 -3.10 -2.83
C GLU A 194 -41.92 -2.38 -4.21
N THR A 195 -41.66 -1.07 -4.24
CA THR A 195 -41.77 -0.33 -5.48
C THR A 195 -40.81 -0.85 -6.55
N VAL A 196 -39.58 -1.17 -6.13
CA VAL A 196 -38.52 -1.63 -7.04
C VAL A 196 -38.76 -3.04 -7.52
N LEU A 197 -39.08 -3.91 -6.59
CA LEU A 197 -39.36 -5.33 -6.91
C LEU A 197 -40.63 -5.49 -7.79
N ALA A 198 -41.67 -4.70 -7.50
CA ALA A 198 -42.87 -4.57 -8.36
C ALA A 198 -42.57 -4.32 -9.81
N THR A 199 -41.53 -3.56 -10.12
CA THR A 199 -41.19 -3.36 -11.51
C THR A 199 -40.80 -4.61 -12.25
N GLY A 200 -40.32 -5.65 -11.56
CA GLY A 200 -39.70 -6.81 -12.23
C GLY A 200 -38.31 -6.58 -12.81
N GLU A 201 -37.65 -5.45 -12.56
CA GLU A 201 -36.27 -5.26 -13.07
C GLU A 201 -35.18 -5.74 -12.08
N LEU A 202 -35.46 -5.60 -10.79
CA LEU A 202 -34.70 -6.23 -9.73
C LEU A 202 -35.50 -7.47 -9.39
N LEU A 203 -34.83 -8.63 -9.36
CA LEU A 203 -35.43 -9.88 -8.79
C LEU A 203 -34.97 -10.08 -7.36
N SER A 204 -35.84 -10.69 -6.55
CA SER A 204 -35.56 -11.00 -5.16
C SER A 204 -34.31 -11.87 -4.99
N THR A 205 -34.08 -12.75 -5.97
CA THR A 205 -32.89 -13.57 -6.01
C THR A 205 -31.65 -12.85 -6.57
N ASP A 206 -31.73 -11.58 -6.95
CA ASP A 206 -30.54 -10.84 -7.42
C ASP A 206 -29.58 -10.43 -6.27
N PHE A 207 -30.08 -10.41 -5.02
CA PHE A 207 -29.28 -9.93 -3.91
C PHE A 207 -29.55 -10.73 -2.64
N ASP A 208 -28.65 -10.60 -1.68
CA ASP A 208 -28.58 -11.45 -0.47
C ASP A 208 -28.87 -10.80 0.87
N TYR A 209 -28.40 -9.56 1.07
CA TYR A 209 -28.47 -8.91 2.39
C TYR A 209 -29.06 -7.50 2.30
N PHE A 210 -29.89 -7.14 3.28
CA PHE A 210 -30.24 -5.73 3.53
C PHE A 210 -29.17 -5.04 4.37
N GLY A 211 -28.71 -3.89 3.87
CA GLY A 211 -27.92 -2.96 4.70
C GLY A 211 -28.77 -1.75 5.10
N VAL A 212 -28.57 -1.25 6.32
CA VAL A 212 -29.13 0.02 6.78
C VAL A 212 -28.12 0.87 7.54
N SER A 213 -28.21 2.19 7.34
CA SER A 213 -27.56 3.15 8.25
C SER A 213 -28.48 3.41 9.44
N TYR A 214 -27.88 3.73 10.58
CA TYR A 214 -28.62 4.03 11.82
C TYR A 214 -27.78 4.98 12.64
N TYR A 215 -28.16 6.26 12.58
CA TYR A 215 -27.45 7.38 13.22
C TYR A 215 -28.44 8.05 14.18
N PRO A 216 -27.99 8.45 15.36
CA PRO A 216 -28.89 9.01 16.35
C PRO A 216 -29.10 10.52 16.28
N PHE A 217 -28.29 11.24 15.49
CA PHE A 217 -28.20 12.71 15.57
C PHE A 217 -28.69 13.46 14.30
N TYR A 218 -29.51 12.79 13.48
CA TYR A 218 -30.10 13.42 12.24
C TYR A 218 -31.62 13.46 12.23
N SER A 219 -32.26 13.01 13.29
CA SER A 219 -33.69 13.04 13.46
C SER A 219 -34.02 12.37 14.78
N ALA A 220 -34.95 12.99 15.50
CA ALA A 220 -35.48 12.46 16.75
C ALA A 220 -36.41 11.24 16.56
N SER A 221 -36.73 10.86 15.33
CA SER A 221 -37.53 9.67 15.08
C SER A 221 -36.69 8.39 15.04
N ALA A 222 -35.36 8.49 15.11
CA ALA A 222 -34.50 7.28 14.98
C ALA A 222 -34.43 6.47 16.29
N THR A 223 -35.59 6.03 16.77
CA THR A 223 -35.70 5.33 18.03
C THR A 223 -35.24 3.87 17.86
N LEU A 224 -34.64 3.32 18.91
CA LEU A 224 -34.31 1.92 18.89
C LEU A 224 -35.56 1.11 18.59
N ALA A 225 -36.70 1.49 19.17
CA ALA A 225 -37.96 0.79 18.89
C ALA A 225 -38.33 0.82 17.41
N SER A 226 -38.16 1.97 16.74
CA SER A 226 -38.52 2.07 15.32
C SER A 226 -37.61 1.22 14.46
N LEU A 227 -36.33 1.15 14.87
CA LEU A 227 -35.37 0.29 14.21
C LEU A 227 -35.73 -1.18 14.42
N LYS A 228 -36.07 -1.58 15.64
CA LYS A 228 -36.45 -2.99 15.92
C LYS A 228 -37.56 -3.48 14.94
N THR A 229 -38.56 -2.63 14.75
CA THR A 229 -39.67 -2.87 13.83
C THR A 229 -39.25 -2.88 12.37
N SER A 230 -38.56 -1.83 11.94
CA SER A 230 -38.04 -1.83 10.58
C SER A 230 -37.23 -3.10 10.28
N LEU A 231 -36.35 -3.48 11.19
CA LEU A 231 -35.50 -4.65 10.94
C LEU A 231 -36.31 -5.92 10.91
N ALA A 232 -37.19 -6.09 11.89
CA ALA A 232 -38.01 -7.28 11.93
C ALA A 232 -38.92 -7.41 10.67
N ASN A 233 -39.59 -6.32 10.28
CA ASN A 233 -40.44 -6.25 9.06
C ASN A 233 -39.72 -6.49 7.71
N LEU A 234 -38.47 -6.01 7.60
CA LEU A 234 -37.63 -6.27 6.41
C LEU A 234 -37.40 -7.76 6.28
N GLN A 235 -37.13 -8.40 7.41
CA GLN A 235 -36.82 -9.83 7.44
C GLN A 235 -38.06 -10.68 7.24
N SER A 236 -39.13 -10.38 7.97
CA SER A 236 -40.39 -11.14 7.81
C SER A 236 -40.89 -10.96 6.39
N THR A 237 -41.03 -9.71 5.93
CA THR A 237 -41.57 -9.46 4.60
C THR A 237 -40.79 -10.07 3.42
N TYR A 238 -39.45 -9.96 3.43
CA TYR A 238 -38.66 -10.27 2.22
C TYR A 238 -37.72 -11.44 2.38
N ASP A 239 -37.73 -12.05 3.57
CA ASP A 239 -36.93 -13.21 3.90
C ASP A 239 -35.44 -13.05 3.52
N LYS A 240 -34.81 -12.06 4.13
CA LYS A 240 -33.37 -11.87 3.97
C LYS A 240 -32.77 -11.33 5.24
N PRO A 241 -31.50 -11.64 5.46
CA PRO A 241 -30.80 -11.10 6.62
C PRO A 241 -30.51 -9.59 6.51
N VAL A 242 -30.39 -8.96 7.67
CA VAL A 242 -30.21 -7.49 7.81
C VAL A 242 -28.96 -7.16 8.58
N VAL A 243 -28.29 -6.09 8.15
CA VAL A 243 -27.05 -5.61 8.79
C VAL A 243 -27.15 -4.10 8.96
N VAL A 244 -26.71 -3.59 10.10
CA VAL A 244 -26.53 -2.18 10.30
C VAL A 244 -25.08 -1.93 9.91
N VAL A 245 -24.91 -1.19 8.82
CA VAL A 245 -23.61 -0.96 8.18
C VAL A 245 -22.94 0.37 8.48
N GLU A 246 -23.66 1.29 9.12
CA GLU A 246 -23.10 2.57 9.53
C GLU A 246 -23.82 2.99 10.79
N THR A 247 -23.09 3.42 11.81
CA THR A 247 -23.65 4.04 13.04
C THR A 247 -22.53 4.79 13.76
N ASN A 248 -22.90 5.79 14.56
CA ASN A 248 -21.96 6.57 15.39
C ASN A 248 -22.64 6.85 16.70
N TRP A 249 -21.82 7.12 17.72
CA TRP A 249 -22.31 7.73 18.94
C TRP A 249 -21.26 8.69 19.48
N PRO A 250 -21.66 9.92 19.81
CA PRO A 250 -20.68 10.94 20.20
C PRO A 250 -20.10 10.76 21.58
N VAL A 251 -18.81 10.96 21.71
CA VAL A 251 -18.16 11.10 23.00
C VAL A 251 -18.17 12.56 23.43
N SER A 252 -18.48 13.47 22.49
CA SER A 252 -18.72 14.88 22.80
C SER A 252 -19.68 15.52 21.77
N CYS A 253 -20.79 16.08 22.25
CA CYS A 253 -21.85 16.68 21.38
C CYS A 253 -22.59 17.87 22.07
N PRO A 254 -21.87 18.99 22.24
CA PRO A 254 -22.46 20.14 22.93
C PRO A 254 -23.54 20.94 22.16
N ASN A 255 -23.53 20.92 20.81
CA ASN A 255 -24.47 21.68 19.95
C ASN A 255 -25.16 20.83 18.91
N PRO A 256 -25.92 19.85 19.39
CA PRO A 256 -26.64 19.07 18.42
C PRO A 256 -27.65 19.95 17.65
N ALA A 257 -27.79 19.71 16.35
CA ALA A 257 -28.76 20.40 15.50
C ALA A 257 -30.10 19.71 15.57
N TYR A 258 -30.21 18.54 16.19
CA TYR A 258 -31.51 17.88 16.30
C TYR A 258 -31.66 17.30 17.68
N ALA A 259 -32.88 17.24 18.19
CA ALA A 259 -33.14 16.42 19.39
C ALA A 259 -32.76 14.96 19.11
N PHE A 260 -32.13 14.32 20.10
CA PHE A 260 -31.87 12.87 20.04
C PHE A 260 -33.18 12.15 20.26
N PRO A 261 -33.32 10.89 19.74
CA PRO A 261 -34.63 10.19 19.91
C PRO A 261 -34.95 9.93 21.37
N SER A 262 -36.24 9.76 21.63
CA SER A 262 -36.74 9.67 23.03
C SER A 262 -36.11 8.51 23.83
N ASP A 263 -36.04 7.31 23.28
CA ASP A 263 -35.38 6.20 23.99
C ASP A 263 -33.82 6.20 24.01
N LEU A 264 -33.17 7.25 23.51
CA LEU A 264 -31.72 7.38 23.59
C LEU A 264 -31.23 8.66 24.32
N SER A 265 -32.16 9.50 24.77
CA SER A 265 -31.83 10.79 25.39
C SER A 265 -31.20 10.67 26.79
N SER A 266 -31.35 9.50 27.40
CA SER A 266 -30.68 9.19 28.66
C SER A 266 -29.25 8.65 28.50
N ILE A 267 -28.72 8.53 27.28
CA ILE A 267 -27.36 8.05 27.08
C ILE A 267 -26.37 9.21 27.02
N PRO A 268 -25.38 9.21 27.92
CA PRO A 268 -24.37 10.26 27.93
C PRO A 268 -23.50 10.33 26.66
N PHE A 269 -22.87 11.49 26.48
CA PHE A 269 -21.89 11.66 25.44
C PHE A 269 -20.52 11.43 26.09
N SER A 270 -20.11 10.17 26.11
CA SER A 270 -18.81 9.74 26.63
C SER A 270 -18.46 8.46 25.96
N VAL A 271 -17.25 8.03 26.20
CA VAL A 271 -16.82 6.66 25.86
C VAL A 271 -17.81 5.66 26.45
N ALA A 272 -18.10 5.70 27.76
CA ALA A 272 -19.14 4.80 28.37
C ALA A 272 -20.48 4.93 27.65
N GLY A 273 -20.83 6.15 27.25
CA GLY A 273 -21.96 6.37 26.40
C GLY A 273 -21.95 5.58 25.11
N GLN A 274 -20.83 5.67 24.37
CA GLN A 274 -20.66 4.86 23.15
C GLN A 274 -20.95 3.36 23.40
N GLN A 275 -20.50 2.84 24.54
CA GLN A 275 -20.62 1.40 24.81
C GLN A 275 -22.03 1.02 25.11
N GLU A 276 -22.71 1.85 25.89
CA GLU A 276 -24.09 1.60 26.22
C GLU A 276 -24.94 1.63 24.92
N PHE A 277 -24.69 2.63 24.09
CA PHE A 277 -25.36 2.75 22.81
C PHE A 277 -25.13 1.53 21.94
N LEU A 278 -23.88 1.16 21.78
CA LEU A 278 -23.55 0.00 20.96
C LEU A 278 -24.15 -1.31 21.50
N GLU A 279 -24.16 -1.45 22.82
CA GLU A 279 -24.81 -2.58 23.46
C GLU A 279 -26.33 -2.61 23.19
N LYS A 280 -27.00 -1.44 23.33
CA LYS A 280 -28.44 -1.36 23.14
C LYS A 280 -28.81 -1.64 21.67
N LEU A 281 -27.96 -1.17 20.74
CA LEU A 281 -28.13 -1.42 19.32
C LEU A 281 -27.90 -2.87 19.01
N ALA A 282 -26.82 -3.42 19.52
CA ALA A 282 -26.52 -4.83 19.29
C ALA A 282 -27.62 -5.80 19.75
N ALA A 283 -28.26 -5.49 20.87
CA ALA A 283 -29.35 -6.28 21.43
C ALA A 283 -30.55 -6.38 20.47
N VAL A 284 -30.89 -5.24 19.87
CA VAL A 284 -31.91 -5.13 18.85
C VAL A 284 -31.59 -6.02 17.68
N VAL A 285 -30.34 -5.93 17.23
CA VAL A 285 -29.91 -6.67 16.08
C VAL A 285 -29.78 -8.16 16.40
N GLU A 286 -29.32 -8.54 17.61
CA GLU A 286 -29.21 -9.98 18.05
C GLU A 286 -30.57 -10.67 18.12
N ALA A 287 -31.60 -9.88 18.42
CA ALA A 287 -32.97 -10.34 18.60
C ALA A 287 -33.77 -10.33 17.29
N THR A 288 -33.27 -9.64 16.28
CA THR A 288 -33.89 -9.73 14.99
C THR A 288 -33.56 -11.09 14.41
N THR A 289 -34.57 -11.83 13.96
CA THR A 289 -34.33 -13.09 13.26
C THR A 289 -33.34 -12.72 12.15
N ASP A 290 -32.20 -13.40 12.09
CA ASP A 290 -31.26 -13.25 10.97
C ASP A 290 -30.58 -11.81 10.91
N GLY A 291 -30.41 -11.19 12.08
CA GLY A 291 -29.64 -9.95 12.23
C GLY A 291 -28.17 -10.28 12.41
N LEU A 292 -27.36 -9.94 11.40
CA LEU A 292 -26.01 -10.44 11.28
C LEU A 292 -24.95 -9.54 11.82
N GLY A 293 -25.19 -8.24 11.94
CA GLY A 293 -24.14 -7.38 12.49
C GLY A 293 -24.28 -5.89 12.55
N VAL A 294 -23.19 -5.29 13.09
CA VAL A 294 -23.02 -3.84 13.30
C VAL A 294 -21.62 -3.39 12.87
N TYR A 295 -21.55 -2.39 11.97
CA TYR A 295 -20.31 -1.74 11.58
C TYR A 295 -20.35 -0.28 12.03
N TYR A 296 -19.31 0.17 12.69
CA TYR A 296 -19.18 1.57 13.09
C TYR A 296 -18.56 2.37 11.90
N TRP A 297 -18.99 3.62 11.68
CA TRP A 297 -18.46 4.40 10.58
C TRP A 297 -17.31 5.26 11.04
N GLU A 298 -16.11 4.94 10.53
CA GLU A 298 -14.94 5.78 10.64
C GLU A 298 -14.49 6.08 12.07
N PRO A 299 -14.32 5.03 12.89
CA PRO A 299 -13.97 5.27 14.29
C PRO A 299 -12.64 6.03 14.57
N ALA A 300 -11.75 6.13 13.57
CA ALA A 300 -10.37 6.56 13.73
C ALA A 300 -9.99 7.73 12.85
N TRP A 301 -10.98 8.49 12.38
CA TRP A 301 -10.71 9.55 11.42
C TRP A 301 -10.23 10.83 12.12
N ILE A 302 -8.94 10.84 12.44
CA ILE A 302 -8.26 12.03 12.99
C ILE A 302 -8.45 13.22 12.07
N GLY A 303 -8.85 14.34 12.62
CA GLY A 303 -9.02 15.57 11.89
C GLY A 303 -10.39 15.73 11.26
N ASN A 304 -11.30 14.76 11.50
CA ASN A 304 -12.67 14.83 11.05
C ASN A 304 -13.54 14.24 12.13
N ALA A 305 -13.28 14.67 13.35
CA ALA A 305 -13.91 14.09 14.55
C ALA A 305 -15.45 14.09 14.49
N GLY A 306 -16.03 15.16 13.93
CA GLY A 306 -17.47 15.31 13.79
C GLY A 306 -18.08 14.34 12.78
N LEU A 307 -17.24 13.79 11.88
CA LEU A 307 -17.68 12.79 10.90
C LEU A 307 -18.89 13.26 10.15
N GLY A 308 -18.94 14.55 9.85
CA GLY A 308 -20.04 15.12 9.13
C GLY A 308 -21.24 15.52 9.94
N SER A 309 -21.31 15.18 11.23
CA SER A 309 -22.50 15.53 12.05
C SER A 309 -22.37 16.88 12.71
N SER A 310 -23.46 17.33 13.34
CA SER A 310 -23.41 18.53 14.18
C SER A 310 -22.76 18.28 15.56
N CYS A 311 -22.34 17.04 15.85
CA CYS A 311 -21.66 16.66 17.08
C CYS A 311 -20.18 16.86 16.91
N ALA A 312 -19.49 17.17 18.00
CA ALA A 312 -18.07 17.53 17.92
C ALA A 312 -17.13 16.33 17.75
N ASP A 313 -17.34 15.24 18.46
CA ASP A 313 -16.46 14.08 18.35
C ASP A 313 -17.28 12.74 18.36
N ASN A 314 -17.19 12.01 17.27
CA ASN A 314 -17.85 10.70 17.16
C ASN A 314 -16.84 9.57 16.99
N LEU A 315 -15.56 9.86 17.24
CA LEU A 315 -14.51 8.89 17.08
C LEU A 315 -14.41 7.93 18.29
N MET A 316 -13.76 6.78 18.05
CA MET A 316 -13.54 5.76 19.04
C MET A 316 -12.06 5.75 19.33
N VAL A 317 -11.39 6.88 19.04
CA VAL A 317 -9.97 7.13 19.36
C VAL A 317 -9.81 8.58 19.87
N ASP A 318 -8.88 8.72 20.81
CA ASP A 318 -8.47 9.98 21.41
C ASP A 318 -7.60 10.71 20.41
N TYR A 319 -8.09 11.79 19.83
CA TYR A 319 -7.27 12.41 18.81
C TYR A 319 -6.14 13.25 19.36
N THR A 320 -6.05 13.43 20.69
CA THR A 320 -4.87 14.10 21.29
C THR A 320 -3.67 13.17 21.44
N THR A 321 -3.88 11.86 21.51
CA THR A 321 -2.80 10.84 21.58
C THR A 321 -2.82 9.78 20.51
N ASP A 322 -3.87 9.77 19.68
CA ASP A 322 -4.15 8.73 18.70
C ASP A 322 -4.31 7.35 19.29
N GLU A 323 -4.73 7.28 20.53
CA GLU A 323 -4.96 5.99 21.17
C GLU A 323 -6.45 5.63 21.04
N VAL A 324 -6.74 4.39 20.66
CA VAL A 324 -8.12 3.85 20.69
C VAL A 324 -8.73 3.82 22.10
N TYR A 325 -10.01 4.10 22.20
CA TYR A 325 -10.77 4.10 23.45
C TYR A 325 -11.22 2.67 23.80
N GLU A 326 -11.67 2.44 25.04
CA GLU A 326 -12.13 1.08 25.39
C GLU A 326 -13.36 0.67 24.62
N SER A 327 -14.09 1.63 24.07
CA SER A 327 -15.32 1.35 23.32
C SER A 327 -15.13 0.33 22.15
N ILE A 328 -13.90 0.28 21.61
CA ILE A 328 -13.49 -0.65 20.56
CA ILE A 328 -13.56 -0.67 20.53
C ILE A 328 -13.68 -2.11 21.02
N GLU A 329 -13.36 -2.37 22.29
CA GLU A 329 -13.57 -3.72 22.82
C GLU A 329 -15.06 -4.04 22.88
N THR A 330 -15.90 -3.09 23.25
CA THR A 330 -17.35 -3.35 23.27
C THR A 330 -17.84 -3.60 21.88
N LEU A 331 -17.35 -2.85 20.90
CA LEU A 331 -17.70 -3.15 19.51
C LEU A 331 -17.33 -4.58 19.13
N GLY A 332 -16.09 -4.99 19.40
CA GLY A 332 -15.67 -6.36 19.10
C GLY A 332 -16.35 -7.54 19.83
N GLU A 333 -17.06 -7.29 20.93
CA GLU A 333 -17.75 -8.34 21.69
C GLU A 333 -19.28 -8.23 21.53
N LEU A 334 -19.76 -7.43 20.57
CA LEU A 334 -21.21 -7.24 20.42
C LEU A 334 -21.88 -8.53 19.98
N ALA B 1 1.28 2.48 -2.87
CA ALA B 1 2.24 1.36 -2.67
C ALA B 1 3.32 1.47 -3.73
N LEU B 2 4.55 1.28 -3.32
CA LEU B 2 5.63 1.30 -4.25
C LEU B 2 5.69 -0.04 -4.94
N THR B 3 6.00 0.02 -6.22
CA THR B 3 6.24 -1.18 -7.00
C THR B 3 7.32 -2.08 -6.37
N TYR B 4 8.37 -1.46 -5.86
CA TYR B 4 9.48 -2.18 -5.25
C TYR B 4 9.73 -1.65 -3.84
N ARG B 5 9.47 -2.47 -2.86
CA ARG B 5 9.81 -2.21 -1.46
C ARG B 5 10.89 -3.24 -1.12
N GLY B 6 12.15 -2.79 -1.07
CA GLY B 6 13.28 -3.68 -1.13
C GLY B 6 14.38 -3.48 -0.12
N ALA B 7 15.26 -4.47 -0.08
CA ALA B 7 16.43 -4.53 0.81
C ALA B 7 17.60 -5.14 0.06
N ASP B 8 18.79 -4.61 0.30
CA ASP B 8 20.02 -5.22 -0.11
C ASP B 8 20.52 -5.94 1.11
N ILE B 9 20.65 -7.27 1.01
CA ILE B 9 21.09 -8.11 2.16
C ILE B 9 22.21 -9.03 1.73
N SER B 10 23.03 -8.55 0.81
CA SER B 10 24.11 -9.32 0.24
C SER B 10 24.97 -10.05 1.28
N SER B 11 25.21 -9.41 2.43
CA SER B 11 26.07 -9.95 3.53
C SER B 11 25.54 -11.17 4.28
N LEU B 12 24.28 -11.55 4.01
CA LEU B 12 23.59 -12.61 4.76
C LEU B 12 24.32 -13.92 4.85
N LEU B 13 24.85 -14.40 3.72
CA LEU B 13 25.45 -15.73 3.69
C LEU B 13 26.70 -15.76 4.47
N LEU B 14 27.49 -14.69 4.39
CA LEU B 14 28.69 -14.55 5.21
C LEU B 14 28.35 -14.47 6.69
N LEU B 15 27.28 -13.75 7.01
CA LEU B 15 26.90 -13.61 8.40
C LEU B 15 26.42 -14.92 8.93
N GLU B 16 25.70 -15.71 8.14
CA GLU B 16 25.30 -17.06 8.60
C GLU B 16 26.52 -17.98 8.82
N ASP B 17 27.46 -17.98 7.88
CA ASP B 17 28.73 -18.69 8.07
C ASP B 17 29.37 -18.29 9.37
N GLU B 18 29.39 -17.00 9.72
CA GLU B 18 29.94 -16.57 11.03
C GLU B 18 29.14 -17.09 12.26
N GLY B 19 28.03 -17.83 12.04
CA GLY B 19 27.10 -18.25 13.10
C GLY B 19 25.97 -17.31 13.54
N TYR B 20 25.73 -16.23 12.81
CA TYR B 20 24.62 -15.37 13.15
C TYR B 20 23.26 -15.91 12.68
N SER B 21 22.21 -15.39 13.33
CA SER B 21 20.82 -15.70 13.03
C SER B 21 19.95 -14.56 13.52
N TYR B 22 18.72 -14.54 13.00
CA TYR B 22 17.81 -13.41 13.10
C TYR B 22 16.46 -13.80 13.72
N LYS B 23 15.81 -12.85 14.39
CA LYS B 23 14.46 -13.06 14.91
C LYS B 23 13.44 -12.09 14.31
N ASN B 24 12.26 -12.63 13.99
CA ASN B 24 11.11 -11.81 13.58
C ASN B 24 10.61 -10.94 14.71
N LEU B 25 9.55 -10.18 14.45
CA LEU B 25 8.96 -9.28 15.45
C LEU B 25 8.38 -9.93 16.71
N ASN B 26 8.10 -11.23 16.63
CA ASN B 26 7.58 -12.03 17.75
C ASN B 26 8.73 -12.79 18.45
N GLY B 27 9.95 -12.30 18.25
CA GLY B 27 11.17 -12.92 18.77
C GLY B 27 11.39 -14.37 18.42
N GLN B 28 10.89 -14.81 17.28
CA GLN B 28 11.14 -16.16 16.83
C GLN B 28 12.23 -16.17 15.77
N THR B 29 13.11 -17.17 15.85
CA THR B 29 14.30 -17.23 15.04
C THR B 29 13.85 -17.81 13.72
N GLN B 30 14.37 -17.27 12.63
CA GLN B 30 13.77 -17.38 11.31
C GLN B 30 14.77 -16.87 10.27
N ALA B 31 14.74 -17.47 9.10
CA ALA B 31 15.58 -17.07 7.98
C ALA B 31 15.24 -15.64 7.57
N LEU B 32 16.27 -14.82 7.32
CA LEU B 32 16.05 -13.40 7.15
C LEU B 32 15.13 -13.05 5.95
N GLU B 33 15.29 -13.79 4.87
CA GLU B 33 14.53 -13.51 3.68
C GLU B 33 13.01 -13.69 3.91
N THR B 34 12.61 -14.66 4.76
CA THR B 34 11.17 -14.94 5.01
C THR B 34 10.63 -13.95 6.02
N ILE B 35 11.45 -13.56 7.01
CA ILE B 35 11.08 -12.43 7.86
C ILE B 35 10.70 -11.19 7.01
N LEU B 36 11.57 -10.83 6.04
CA LEU B 36 11.41 -9.60 5.28
C LEU B 36 10.27 -9.77 4.32
N ALA B 37 10.19 -10.94 3.70
CA ALA B 37 9.05 -11.30 2.85
C ALA B 37 7.70 -11.10 3.56
N ASP B 38 7.65 -11.47 4.86
CA ASP B 38 6.38 -11.45 5.62
C ASP B 38 6.05 -10.03 6.03
N ALA B 39 7.05 -9.15 6.03
CA ALA B 39 6.83 -7.76 6.40
C ALA B 39 6.38 -6.91 5.25
N GLY B 40 6.41 -7.50 4.04
CA GLY B 40 5.97 -6.89 2.78
C GLY B 40 7.09 -6.50 1.81
N ILE B 41 8.32 -6.93 2.11
CA ILE B 41 9.45 -6.64 1.25
C ILE B 41 9.29 -7.57 0.06
N ASN B 42 9.07 -6.99 -1.12
CA ASN B 42 8.85 -7.77 -2.37
C ASN B 42 10.07 -7.99 -3.31
N SER B 43 11.25 -7.47 -2.95
CA SER B 43 12.45 -7.48 -3.83
C SER B 43 13.78 -7.40 -3.04
N ILE B 44 14.75 -8.25 -3.40
CA ILE B 44 16.07 -8.23 -2.84
C ILE B 44 17.15 -7.82 -3.85
N ARG B 45 17.98 -6.85 -3.43
CA ARG B 45 19.13 -6.38 -4.17
C ARG B 45 20.36 -7.12 -3.71
N GLN B 46 21.15 -7.62 -4.65
CA GLN B 46 22.38 -8.40 -4.37
C GLN B 46 23.58 -7.87 -5.16
N ARG B 47 24.61 -7.49 -4.44
CA ARG B 47 25.80 -6.99 -5.09
C ARG B 47 26.57 -8.15 -5.65
N VAL B 48 27.14 -7.95 -6.84
CA VAL B 48 27.92 -9.02 -7.51
C VAL B 48 29.35 -8.58 -7.80
N TRP B 49 30.29 -9.33 -7.26
CA TRP B 49 31.70 -9.17 -7.59
C TRP B 49 32.17 -10.30 -8.56
N VAL B 50 33.25 -10.04 -9.28
CA VAL B 50 33.67 -10.87 -10.43
C VAL B 50 34.60 -12.00 -10.00
N ASN B 51 35.82 -11.67 -9.58
CA ASN B 51 36.85 -12.65 -9.11
C ASN B 51 37.40 -12.29 -7.75
N PRO B 52 36.53 -12.19 -6.74
CA PRO B 52 37.04 -11.87 -5.38
C PRO B 52 37.93 -12.99 -4.87
N SER B 53 39.12 -12.69 -4.37
CA SER B 53 40.05 -13.79 -4.05
C SER B 53 39.46 -14.76 -3.00
N ASP B 54 38.62 -14.29 -2.08
CA ASP B 54 37.87 -15.15 -1.15
C ASP B 54 36.44 -15.60 -1.58
N GLY B 55 36.03 -15.37 -2.82
CA GLY B 55 34.72 -15.76 -3.29
C GLY B 55 33.48 -15.02 -2.76
N SER B 56 33.68 -13.97 -1.97
CA SER B 56 32.55 -13.19 -1.40
C SER B 56 31.79 -12.49 -2.51
N TYR B 57 30.47 -12.61 -2.47
CA TYR B 57 29.63 -11.98 -3.47
C TYR B 57 29.92 -12.39 -4.94
N ASP B 58 30.54 -13.54 -5.13
CA ASP B 58 30.79 -14.01 -6.50
C ASP B 58 29.51 -14.63 -7.11
N LEU B 59 29.64 -15.20 -8.31
CA LEU B 59 28.50 -15.71 -9.02
C LEU B 59 27.83 -16.85 -8.23
N ASP B 60 28.64 -17.79 -7.69
CA ASP B 60 28.08 -18.89 -6.88
C ASP B 60 27.36 -18.41 -5.57
N TYR B 61 28.01 -17.50 -4.85
CA TYR B 61 27.43 -16.79 -3.69
C TYR B 61 26.04 -16.25 -4.01
N ASN B 62 25.95 -15.52 -5.13
CA ASN B 62 24.69 -14.88 -5.51
C ASN B 62 23.62 -15.87 -5.98
N LEU B 63 24.04 -16.99 -6.55
CA LEU B 63 23.11 -18.06 -6.91
C LEU B 63 22.52 -18.70 -5.67
N GLU B 64 23.39 -19.05 -4.71
CA GLU B 64 22.93 -19.59 -3.43
C GLU B 64 21.93 -18.61 -2.80
N LEU B 65 22.23 -17.30 -2.82
CA LEU B 65 21.35 -16.29 -2.19
C LEU B 65 20.05 -16.07 -2.98
N ALA B 66 20.15 -16.06 -4.30
CA ALA B 66 18.99 -15.85 -5.15
C ALA B 66 17.98 -17.01 -5.13
N LYS B 67 18.45 -18.25 -4.92
CA LYS B 67 17.54 -19.40 -4.79
C LYS B 67 16.60 -19.23 -3.61
N ARG B 68 17.13 -18.67 -2.52
CA ARG B 68 16.36 -18.35 -1.34
C ARG B 68 15.46 -17.14 -1.52
N VAL B 69 15.94 -16.12 -2.22
CA VAL B 69 15.10 -14.95 -2.55
C VAL B 69 13.89 -15.41 -3.39
N LYS B 70 14.13 -16.21 -4.42
CA LYS B 70 13.03 -16.77 -5.20
C LYS B 70 12.06 -17.65 -4.34
N ALA B 71 12.63 -18.57 -3.57
CA ALA B 71 11.89 -19.43 -2.64
C ALA B 71 10.97 -18.65 -1.67
N ALA B 72 11.36 -17.44 -1.27
CA ALA B 72 10.53 -16.56 -0.42
C ALA B 72 9.56 -15.69 -1.19
N GLY B 73 9.45 -15.89 -2.49
CA GLY B 73 8.54 -15.10 -3.31
C GLY B 73 8.88 -13.65 -3.61
N MET B 74 10.15 -13.26 -3.41
CA MET B 74 10.59 -11.89 -3.74
C MET B 74 11.24 -11.88 -5.15
N SER B 75 11.12 -10.76 -5.85
CA SER B 75 11.92 -10.49 -7.07
C SER B 75 13.42 -10.21 -6.76
N LEU B 76 14.26 -10.47 -7.75
CA LEU B 76 15.75 -10.33 -7.64
C LEU B 76 16.30 -9.11 -8.42
N TYR B 77 17.15 -8.29 -7.77
CA TYR B 77 17.87 -7.20 -8.42
C TYR B 77 19.37 -7.45 -8.29
N LEU B 78 20.03 -7.69 -9.42
CA LEU B 78 21.49 -7.88 -9.42
C LEU B 78 22.22 -6.54 -9.63
N ASP B 79 22.93 -6.12 -8.61
CA ASP B 79 23.77 -4.89 -8.63
C ASP B 79 25.20 -5.28 -9.05
N LEU B 80 25.51 -5.25 -10.35
CA LEU B 80 26.86 -5.66 -10.84
C LEU B 80 27.92 -4.61 -10.53
N HIS B 81 28.88 -4.96 -9.68
CA HIS B 81 29.96 -3.98 -9.29
C HIS B 81 31.05 -3.85 -10.38
N LEU B 82 31.18 -4.87 -11.22
CA LEU B 82 32.14 -4.85 -12.31
C LEU B 82 33.54 -4.61 -11.74
N SER B 83 33.88 -5.40 -10.72
CA SER B 83 35.14 -5.33 -10.00
C SER B 83 35.28 -6.56 -9.09
N ASP B 84 36.47 -6.85 -8.63
CA ASP B 84 36.65 -7.93 -7.67
C ASP B 84 36.32 -7.48 -6.25
N THR B 85 36.22 -6.18 -6.03
CA THR B 85 35.91 -5.67 -4.71
C THR B 85 34.98 -4.46 -4.82
N TRP B 86 34.76 -3.73 -3.72
CA TRP B 86 33.74 -2.69 -3.68
C TRP B 86 33.95 -1.65 -4.77
N ALA B 87 32.86 -1.27 -5.43
CA ALA B 87 32.88 -0.26 -6.46
C ALA B 87 32.08 0.93 -5.99
N ASP B 88 32.68 2.10 -6.10
CA ASP B 88 32.02 3.35 -5.72
C ASP B 88 32.68 4.52 -6.48
N PRO B 89 32.18 5.76 -6.35
CA PRO B 89 32.78 6.85 -7.12
C PRO B 89 34.27 7.10 -6.90
N SER B 90 34.88 6.51 -5.88
CA SER B 90 36.32 6.64 -5.77
C SER B 90 37.09 5.30 -5.83
N ASP B 91 36.44 4.20 -6.20
CA ASP B 91 37.12 2.95 -6.58
C ASP B 91 36.30 2.21 -7.65
N GLN B 92 36.81 2.16 -8.87
CA GLN B 92 36.25 1.30 -9.91
C GLN B 92 37.38 0.44 -10.48
N THR B 93 37.93 -0.45 -9.63
CA THR B 93 39.06 -1.27 -10.00
C THR B 93 38.63 -2.39 -10.97
N THR B 94 39.14 -2.32 -12.21
CA THR B 94 38.82 -3.29 -13.22
C THR B 94 39.17 -4.68 -12.66
N PRO B 95 38.32 -5.70 -12.95
CA PRO B 95 38.59 -7.04 -12.47
C PRO B 95 39.90 -7.55 -13.03
N SER B 96 40.67 -8.24 -12.20
CA SER B 96 41.86 -8.89 -12.66
C SER B 96 41.57 -9.88 -13.79
N GLY B 97 42.37 -9.80 -14.87
CA GLY B 97 42.19 -10.57 -16.07
C GLY B 97 41.58 -9.69 -17.14
N TRP B 98 40.83 -8.68 -16.74
CA TRP B 98 40.16 -7.85 -17.74
C TRP B 98 41.15 -6.75 -18.19
N SER B 99 40.91 -6.13 -19.34
CA SER B 99 41.91 -5.26 -19.92
C SER B 99 41.90 -3.89 -19.23
N THR B 100 43.09 -3.39 -18.94
CA THR B 100 43.26 -1.99 -18.59
C THR B 100 44.01 -1.24 -19.71
N THR B 101 44.10 -1.85 -20.89
CA THR B 101 44.86 -1.34 -22.02
C THR B 101 44.13 -1.28 -23.35
N ASP B 102 42.99 -1.93 -23.53
CA ASP B 102 42.40 -2.11 -24.88
C ASP B 102 40.86 -2.14 -24.75
N LEU B 103 40.19 -1.07 -25.20
CA LEU B 103 38.73 -0.93 -25.03
C LEU B 103 37.98 -2.06 -25.75
N GLY B 104 38.43 -2.45 -26.93
CA GLY B 104 37.84 -3.54 -27.70
C GLY B 104 37.85 -4.84 -26.90
N THR B 105 38.99 -5.13 -26.28
CA THR B 105 39.08 -6.25 -25.37
C THR B 105 38.16 -6.10 -24.12
N LEU B 106 38.21 -4.95 -23.44
CA LEU B 106 37.37 -4.69 -22.28
C LEU B 106 35.88 -4.81 -22.61
N LYS B 107 35.46 -4.17 -23.67
CA LYS B 107 34.07 -4.26 -24.10
C LYS B 107 33.67 -5.72 -24.31
N TRP B 108 34.53 -6.49 -24.95
CA TRP B 108 34.28 -7.90 -25.16
C TRP B 108 34.11 -8.61 -23.83
N GLN B 109 34.99 -8.32 -22.89
CA GLN B 109 34.97 -9.00 -21.63
C GLN B 109 33.70 -8.64 -20.80
N LEU B 110 33.26 -7.38 -20.91
CA LEU B 110 32.05 -6.93 -20.22
C LEU B 110 30.80 -7.58 -20.82
N TYR B 111 30.74 -7.66 -22.15
CA TYR B 111 29.62 -8.28 -22.88
C TYR B 111 29.54 -9.75 -22.48
N ASN B 112 30.67 -10.43 -22.59
CA ASN B 112 30.73 -11.81 -22.22
C ASN B 112 30.21 -12.02 -20.79
N TYR B 113 30.63 -11.14 -19.89
CA TYR B 113 30.28 -11.25 -18.49
C TYR B 113 28.78 -11.07 -18.25
N THR B 114 28.17 -10.07 -18.85
CA THR B 114 26.77 -9.90 -18.56
C THR B 114 25.98 -11.06 -19.20
N LEU B 115 26.29 -11.36 -20.46
CA LEU B 115 25.71 -12.47 -21.19
C LEU B 115 25.66 -13.73 -20.32
N GLU B 116 26.83 -14.12 -19.82
CA GLU B 116 27.01 -15.37 -19.09
C GLU B 116 26.56 -15.42 -17.60
N VAL B 117 26.55 -14.29 -16.91
CA VAL B 117 25.89 -14.18 -15.62
C VAL B 117 24.42 -14.49 -15.89
N CYS B 118 23.83 -13.72 -16.78
CA CYS B 118 22.46 -13.93 -17.17
C CYS B 118 22.20 -15.38 -17.68
N ASN B 119 23.15 -15.95 -18.41
CA ASN B 119 22.93 -17.28 -18.94
C ASN B 119 23.04 -18.32 -17.84
N THR B 120 23.96 -18.13 -16.89
CA THR B 120 24.08 -19.02 -15.74
C THR B 120 22.81 -18.98 -14.88
N PHE B 121 22.22 -17.79 -14.73
CA PHE B 121 21.00 -17.59 -13.96
C PHE B 121 19.83 -18.27 -14.65
N ALA B 122 19.66 -17.99 -15.95
CA ALA B 122 18.61 -18.63 -16.76
C ALA B 122 18.67 -20.17 -16.78
N GLU B 123 19.90 -20.71 -16.68
CA GLU B 123 20.09 -22.12 -16.64
C GLU B 123 19.64 -22.72 -15.28
N ASN B 124 19.67 -21.94 -14.20
CA ASN B 124 19.15 -22.37 -12.88
C ASN B 124 17.66 -21.99 -12.67
N ASP B 125 16.97 -21.63 -13.75
CA ASP B 125 15.60 -21.13 -13.72
C ASP B 125 15.32 -20.07 -12.62
N ILE B 126 16.12 -19.00 -12.63
CA ILE B 126 15.98 -17.86 -11.71
C ILE B 126 15.87 -16.61 -12.53
N ASP B 127 14.72 -15.95 -12.46
CA ASP B 127 14.49 -14.71 -13.21
C ASP B 127 15.09 -13.52 -12.49
N ILE B 128 15.56 -12.58 -13.29
CA ILE B 128 16.18 -11.40 -12.79
C ILE B 128 15.23 -10.29 -13.14
N GLU B 129 14.79 -9.54 -12.15
CA GLU B 129 13.93 -8.40 -12.40
C GLU B 129 14.75 -7.19 -12.89
N ILE B 130 15.81 -6.86 -12.15
CA ILE B 130 16.59 -5.67 -12.41
C ILE B 130 18.02 -6.11 -12.47
N ILE B 131 18.76 -5.52 -13.43
CA ILE B 131 20.23 -5.66 -13.47
C ILE B 131 20.89 -4.29 -13.75
N SER B 132 21.81 -3.92 -12.87
CA SER B 132 22.56 -2.65 -13.00
C SER B 132 23.92 -2.92 -13.63
N ILE B 133 24.28 -2.12 -14.64
CA ILE B 133 25.58 -2.23 -15.31
C ILE B 133 26.51 -1.28 -14.57
N GLY B 134 27.06 -1.78 -13.48
CA GLY B 134 27.84 -0.96 -12.58
C GLY B 134 27.12 -0.64 -11.28
N ASN B 135 27.91 -0.38 -10.26
CA ASN B 135 27.45 0.25 -9.05
C ASN B 135 28.02 1.66 -8.93
N GLU B 136 27.14 2.68 -8.91
CA GLU B 136 27.48 4.09 -8.62
C GLU B 136 28.56 4.63 -9.57
N ILE B 137 28.21 4.73 -10.84
CA ILE B 137 29.20 5.00 -11.89
C ILE B 137 29.22 6.47 -12.36
N ARG B 138 28.91 7.41 -11.47
CA ARG B 138 29.02 8.86 -11.75
C ARG B 138 30.47 9.31 -12.02
N ALA B 139 31.44 8.60 -11.41
CA ALA B 139 32.88 8.77 -11.72
C ALA B 139 33.37 7.70 -12.67
N GLY B 140 32.47 7.16 -13.46
CA GLY B 140 32.79 6.10 -14.40
C GLY B 140 32.87 4.69 -13.81
N LEU B 141 33.44 3.79 -14.62
CA LEU B 141 33.59 2.39 -14.28
C LEU B 141 34.79 1.86 -15.02
N LEU B 142 35.19 0.64 -14.65
CA LEU B 142 36.25 -0.11 -15.29
C LEU B 142 37.45 0.79 -15.62
N TRP B 143 37.90 1.48 -14.59
CA TRP B 143 39.05 2.33 -14.72
C TRP B 143 40.25 1.47 -15.04
N PRO B 144 41.19 1.96 -15.89
CA PRO B 144 41.21 3.33 -16.42
C PRO B 144 40.33 3.62 -17.64
N LEU B 145 40.07 2.61 -18.45
CA LEU B 145 39.40 2.87 -19.71
C LEU B 145 38.09 3.65 -19.59
N GLY B 146 37.34 3.40 -18.51
CA GLY B 146 36.04 4.07 -18.26
C GLY B 146 36.04 5.24 -17.25
N GLU B 147 37.21 5.83 -16.98
CA GLU B 147 37.28 7.10 -16.25
C GLU B 147 36.54 8.17 -17.05
N THR B 148 36.13 9.25 -16.36
CA THR B 148 35.29 10.31 -16.95
C THR B 148 36.06 11.26 -17.89
N SER B 149 37.35 11.04 -18.00
CA SER B 149 38.12 11.57 -19.12
C SER B 149 37.62 11.01 -20.46
N SER B 150 36.91 9.87 -20.47
CA SER B 150 36.24 9.35 -21.69
C SER B 150 34.78 8.92 -21.48
N TYR B 151 33.87 9.88 -21.53
CA TYR B 151 32.45 9.56 -21.43
C TYR B 151 31.99 8.71 -22.61
N SER B 152 32.68 8.89 -23.73
CA SER B 152 32.60 8.02 -24.90
C SER B 152 32.90 6.59 -24.53
N ASN B 153 33.99 6.37 -23.84
CA ASN B 153 34.31 5.01 -23.38
C ASN B 153 33.24 4.42 -22.45
N ILE B 154 32.79 5.22 -21.50
CA ILE B 154 31.74 4.83 -20.58
C ILE B 154 30.53 4.35 -21.37
N GLY B 155 30.01 5.21 -22.25
CA GLY B 155 28.90 4.89 -23.11
C GLY B 155 29.04 3.58 -23.88
N ALA B 156 30.28 3.25 -24.25
CA ALA B 156 30.53 2.10 -25.05
C ALA B 156 30.53 0.82 -24.24
N LEU B 157 31.06 0.93 -23.05
CA LEU B 157 31.03 -0.16 -22.10
C LEU B 157 29.59 -0.41 -21.65
N LEU B 158 28.88 0.66 -21.33
CA LEU B 158 27.48 0.51 -20.96
C LEU B 158 26.75 -0.24 -22.05
N HIS B 159 26.82 0.25 -23.28
CA HIS B 159 26.20 -0.43 -24.42
C HIS B 159 26.61 -1.88 -24.53
N SER B 160 27.88 -2.14 -24.31
CA SER B 160 28.37 -3.50 -24.33
C SER B 160 27.67 -4.37 -23.26
N GLY B 161 27.63 -3.88 -22.01
CA GLY B 161 27.02 -4.63 -20.90
C GLY B 161 25.56 -4.94 -21.20
N ALA B 162 24.83 -3.88 -21.56
CA ALA B 162 23.46 -4.00 -22.00
C ALA B 162 23.26 -5.08 -23.07
N TRP B 163 24.09 -5.10 -24.11
CA TRP B 163 23.90 -6.12 -25.15
C TRP B 163 24.05 -7.53 -24.59
N GLY B 164 24.96 -7.72 -23.67
CA GLY B 164 25.16 -9.05 -23.10
C GLY B 164 23.87 -9.53 -22.46
N VAL B 165 23.23 -8.63 -21.73
CA VAL B 165 21.96 -8.93 -21.09
C VAL B 165 20.95 -9.24 -22.20
N LYS B 166 20.66 -8.27 -23.05
CA LYS B 166 19.69 -8.51 -24.14
C LYS B 166 19.91 -9.82 -24.94
N ASP B 167 21.17 -10.16 -25.17
CA ASP B 167 21.54 -11.36 -25.92
C ASP B 167 21.48 -12.65 -25.09
N SER B 168 21.04 -12.60 -23.83
CA SER B 168 21.04 -13.82 -22.98
C SER B 168 19.79 -14.70 -23.28
N ASN B 169 19.90 -15.97 -22.86
CA ASN B 169 18.78 -16.96 -22.87
C ASN B 169 17.76 -16.84 -21.72
N LEU B 170 17.78 -15.74 -20.96
CA LEU B 170 16.74 -15.49 -19.96
C LEU B 170 15.43 -15.41 -20.69
N ALA B 171 14.40 -15.96 -20.06
CA ALA B 171 13.09 -16.04 -20.68
C ALA B 171 12.49 -14.66 -20.86
N THR B 172 12.77 -13.77 -19.90
CA THR B 172 12.31 -12.39 -19.90
C THR B 172 13.53 -11.49 -19.65
N THR B 173 13.67 -10.45 -20.44
CA THR B 173 14.85 -9.61 -20.30
C THR B 173 14.67 -8.76 -19.04
N PRO B 174 15.70 -8.78 -18.18
CA PRO B 174 15.70 -7.90 -17.02
C PRO B 174 15.58 -6.45 -17.41
N LYS B 175 14.98 -5.65 -16.53
CA LYS B 175 15.05 -4.21 -16.70
C LYS B 175 16.51 -3.85 -16.45
N ILE B 176 17.10 -3.11 -17.40
CA ILE B 176 18.53 -2.75 -17.36
C ILE B 176 18.69 -1.38 -16.70
N MET B 177 19.56 -1.28 -15.71
CA MET B 177 19.66 -0.06 -14.90
C MET B 177 21.05 0.60 -15.01
N ILE B 178 21.07 1.92 -15.08
CA ILE B 178 22.27 2.69 -14.82
C ILE B 178 22.04 3.35 -13.48
N HIS B 179 23.02 3.16 -12.60
CA HIS B 179 22.95 3.58 -11.20
C HIS B 179 24.02 4.61 -10.87
N LEU B 180 23.58 5.77 -10.40
CA LEU B 180 24.48 6.81 -9.91
C LEU B 180 24.24 7.11 -8.43
N ASP B 181 25.31 7.46 -7.72
CA ASP B 181 25.22 8.04 -6.38
C ASP B 181 24.68 9.46 -6.42
N ASP B 182 24.61 10.16 -5.29
CA ASP B 182 24.17 11.57 -5.23
C ASP B 182 22.86 11.85 -6.01
N GLY B 183 21.84 11.01 -5.77
CA GLY B 183 20.53 11.15 -6.41
C GLY B 183 19.82 12.48 -6.26
N TRP B 184 20.18 13.20 -5.21
CA TRP B 184 19.62 14.50 -4.91
C TRP B 184 20.10 15.62 -5.83
N SER B 185 21.12 15.38 -6.66
CA SER B 185 21.75 16.46 -7.47
C SER B 185 21.34 16.35 -8.91
N TRP B 186 20.34 17.13 -9.31
CA TRP B 186 19.96 17.20 -10.71
C TRP B 186 21.17 17.50 -11.61
N ASP B 187 22.07 18.37 -11.15
CA ASP B 187 23.23 18.80 -11.94
C ASP B 187 24.16 17.62 -12.24
N GLN B 188 24.56 16.88 -11.21
CA GLN B 188 25.34 15.63 -11.38
C GLN B 188 24.63 14.54 -12.24
N GLN B 189 23.37 14.28 -11.92
CA GLN B 189 22.58 13.30 -12.65
C GLN B 189 22.56 13.66 -14.12
N ASN B 190 22.16 14.89 -14.41
CA ASN B 190 21.94 15.28 -15.79
C ASN B 190 23.21 15.35 -16.62
N TYR B 191 24.29 15.81 -15.98
CA TYR B 191 25.57 15.95 -16.66
C TYR B 191 26.03 14.60 -17.19
N PHE B 192 25.85 13.56 -16.38
CA PHE B 192 26.26 12.21 -16.73
C PHE B 192 25.49 11.77 -17.97
N TYR B 193 24.17 11.85 -17.93
CA TYR B 193 23.35 11.25 -19.00
C TYR B 193 23.39 12.07 -20.26
N GLU B 194 23.30 13.39 -20.14
CA GLU B 194 23.39 14.27 -21.31
C GLU B 194 24.75 14.09 -22.01
N THR B 195 25.84 14.07 -21.22
CA THR B 195 27.18 13.92 -21.77
C THR B 195 27.37 12.51 -22.43
N VAL B 196 26.96 11.44 -21.74
CA VAL B 196 27.17 10.08 -22.23
C VAL B 196 26.28 9.79 -23.44
N LEU B 197 25.05 10.29 -23.42
CA LEU B 197 24.15 10.11 -24.56
C LEU B 197 24.55 11.01 -25.74
N ALA B 198 25.21 12.15 -25.48
CA ALA B 198 25.69 13.01 -26.59
C ALA B 198 26.74 12.32 -27.44
N THR B 199 27.54 11.43 -26.85
CA THR B 199 28.58 10.72 -27.61
C THR B 199 28.02 9.73 -28.58
N GLY B 200 26.77 9.30 -28.35
CA GLY B 200 26.12 8.35 -29.22
C GLY B 200 26.53 6.91 -28.98
N GLU B 201 27.50 6.65 -28.10
CA GLU B 201 27.98 5.29 -27.84
C GLU B 201 26.98 4.48 -26.99
N LEU B 202 26.24 5.18 -26.13
CA LEU B 202 25.09 4.65 -25.41
C LEU B 202 23.87 5.23 -26.07
N LEU B 203 22.91 4.33 -26.33
CA LEU B 203 21.61 4.70 -26.87
C LEU B 203 20.60 4.70 -25.75
N SER B 204 19.61 5.59 -25.83
CA SER B 204 18.46 5.59 -24.91
C SER B 204 17.79 4.20 -24.78
N THR B 205 17.68 3.47 -25.87
CA THR B 205 17.11 2.11 -25.88
C THR B 205 17.97 1.02 -25.22
N ASP B 206 19.20 1.33 -24.83
CA ASP B 206 20.11 0.35 -24.17
C ASP B 206 19.76 0.01 -22.71
N PHE B 207 19.05 0.91 -22.03
CA PHE B 207 18.69 0.72 -20.62
C PHE B 207 17.24 1.22 -20.38
N ASP B 208 16.67 0.81 -19.25
CA ASP B 208 15.24 0.99 -18.90
C ASP B 208 14.97 1.85 -17.67
N TYR B 209 15.76 1.64 -16.62
CA TYR B 209 15.56 2.29 -15.33
C TYR B 209 16.76 3.16 -14.95
N PHE B 210 16.46 4.27 -14.29
CA PHE B 210 17.45 5.03 -13.53
C PHE B 210 17.52 4.54 -12.09
N GLY B 211 18.73 4.28 -11.61
CA GLY B 211 18.97 4.08 -10.18
C GLY B 211 19.66 5.25 -9.50
N VAL B 212 19.16 5.67 -8.35
CA VAL B 212 19.92 6.59 -7.53
C VAL B 212 20.17 6.04 -6.11
N SER B 213 21.32 6.39 -5.53
CA SER B 213 21.54 6.27 -4.09
C SER B 213 21.15 7.58 -3.43
N TYR B 214 20.59 7.49 -2.23
CA TYR B 214 20.22 8.69 -1.48
C TYR B 214 20.43 8.47 0.01
N TYR B 215 21.53 9.02 0.50
CA TYR B 215 21.87 9.01 1.92
C TYR B 215 21.78 10.39 2.55
N PRO B 216 21.41 10.49 3.83
CA PRO B 216 21.30 11.78 4.51
C PRO B 216 22.64 12.32 5.16
N PHE B 217 23.63 11.44 5.36
CA PHE B 217 24.76 11.68 6.26
C PHE B 217 26.14 11.97 5.57
N TYR B 218 26.10 12.25 4.27
CA TYR B 218 27.31 12.59 3.49
C TYR B 218 27.35 14.03 3.03
N SER B 219 26.32 14.82 3.32
CA SER B 219 26.23 16.21 2.86
C SER B 219 24.89 16.81 3.23
N ALA B 220 24.94 18.11 3.55
CA ALA B 220 23.75 18.83 3.96
C ALA B 220 22.89 19.22 2.76
N SER B 221 23.44 19.05 1.56
CA SER B 221 22.69 19.38 0.34
C SER B 221 21.64 18.33 -0.05
N ALA B 222 21.69 17.16 0.61
CA ALA B 222 20.85 16.01 0.27
C ALA B 222 19.41 16.10 0.82
N THR B 223 18.73 17.18 0.45
CA THR B 223 17.40 17.47 0.98
C THR B 223 16.41 16.64 0.20
N LEU B 224 15.30 16.29 0.84
CA LEU B 224 14.17 15.70 0.14
C LEU B 224 13.67 16.54 -1.05
N ALA B 225 13.64 17.85 -0.87
CA ALA B 225 13.27 18.75 -1.94
C ALA B 225 14.20 18.69 -3.17
N SER B 226 15.51 18.71 -2.93
CA SER B 226 16.49 18.50 -4.03
C SER B 226 16.30 17.15 -4.71
N LEU B 227 16.07 16.08 -3.94
CA LEU B 227 15.82 14.76 -4.54
C LEU B 227 14.53 14.72 -5.33
N LYS B 228 13.51 15.41 -4.82
CA LYS B 228 12.20 15.50 -5.52
C LYS B 228 12.37 16.09 -6.95
N THR B 229 13.10 17.21 -7.02
CA THR B 229 13.42 17.90 -8.26
C THR B 229 14.20 16.98 -9.17
N SER B 230 15.29 16.44 -8.63
CA SER B 230 16.16 15.55 -9.38
C SER B 230 15.42 14.37 -10.03
N LEU B 231 14.62 13.67 -9.24
CA LEU B 231 13.88 12.49 -9.73
C LEU B 231 12.87 12.85 -10.80
N ALA B 232 12.16 13.97 -10.62
CA ALA B 232 11.15 14.43 -11.60
C ALA B 232 11.81 14.79 -12.92
N ASN B 233 12.90 15.54 -12.84
CA ASN B 233 13.64 15.94 -14.04
C ASN B 233 14.21 14.76 -14.81
N LEU B 234 14.73 13.76 -14.10
CA LEU B 234 15.24 12.58 -14.79
C LEU B 234 14.13 11.92 -15.64
N GLN B 235 12.94 11.88 -15.06
CA GLN B 235 11.83 11.23 -15.69
C GLN B 235 11.26 12.06 -16.86
N SER B 236 11.10 13.37 -16.66
CA SER B 236 10.51 14.24 -17.68
C SER B 236 11.50 14.50 -18.81
N THR B 237 12.80 14.52 -18.50
CA THR B 237 13.84 14.74 -19.50
C THR B 237 14.08 13.48 -20.32
N TYR B 238 14.16 12.30 -19.71
CA TYR B 238 14.60 11.08 -20.46
C TYR B 238 13.54 10.00 -20.59
N ASP B 239 12.37 10.24 -19.98
CA ASP B 239 11.23 9.36 -20.05
C ASP B 239 11.54 7.94 -19.62
N LYS B 240 12.11 7.83 -18.43
CA LYS B 240 12.35 6.55 -17.82
C LYS B 240 11.92 6.51 -16.35
N PRO B 241 11.58 5.31 -15.89
CA PRO B 241 11.37 5.15 -14.44
C PRO B 241 12.62 5.46 -13.55
N VAL B 242 12.39 5.86 -12.30
CA VAL B 242 13.45 6.06 -11.31
C VAL B 242 13.23 5.16 -10.10
N VAL B 243 14.34 4.81 -9.46
CA VAL B 243 14.36 3.89 -8.32
C VAL B 243 15.43 4.38 -7.39
N VAL B 244 15.10 4.51 -6.12
CA VAL B 244 16.08 4.78 -5.09
C VAL B 244 16.65 3.44 -4.59
N VAL B 245 17.86 3.09 -4.99
CA VAL B 245 18.36 1.71 -4.83
C VAL B 245 19.20 1.48 -3.60
N GLU B 246 19.56 2.55 -2.93
CA GLU B 246 20.23 2.50 -1.65
C GLU B 246 19.83 3.72 -0.75
N THR B 247 19.53 3.47 0.51
CA THR B 247 19.38 4.53 1.50
C THR B 247 19.56 3.94 2.89
N ASN B 248 19.74 4.82 3.86
CA ASN B 248 19.94 4.46 5.27
C ASN B 248 19.40 5.60 6.12
N TRP B 249 18.76 5.30 7.25
CA TRP B 249 18.53 6.31 8.30
C TRP B 249 19.00 5.75 9.62
N PRO B 250 19.76 6.55 10.39
CA PRO B 250 20.33 6.04 11.63
C PRO B 250 19.35 5.89 12.80
N VAL B 251 19.54 4.83 13.59
CA VAL B 251 18.91 4.70 14.90
C VAL B 251 19.83 5.27 15.99
N SER B 252 21.13 5.43 15.73
CA SER B 252 22.02 6.12 16.66
C SER B 252 23.09 6.81 15.82
N CYS B 253 23.24 8.13 15.96
CA CYS B 253 24.30 8.87 15.26
C CYS B 253 24.80 10.00 16.18
N PRO B 254 25.50 9.63 17.27
CA PRO B 254 25.96 10.64 18.21
C PRO B 254 27.01 11.62 17.70
N ASN B 255 27.89 11.23 16.77
CA ASN B 255 28.91 12.18 16.21
C ASN B 255 28.89 12.19 14.69
N PRO B 256 27.91 12.86 14.06
CA PRO B 256 27.92 13.04 12.61
C PRO B 256 29.10 13.83 12.14
N ALA B 257 29.56 13.54 10.94
CA ALA B 257 30.64 14.28 10.26
C ALA B 257 30.14 15.35 9.28
N TYR B 258 28.87 15.30 8.91
CA TYR B 258 28.24 16.32 8.10
C TYR B 258 26.87 16.59 8.71
N ALA B 259 26.51 17.86 8.79
CA ALA B 259 25.20 18.23 9.27
C ALA B 259 24.21 17.65 8.30
N PHE B 260 23.05 17.31 8.86
CA PHE B 260 22.01 16.68 8.08
C PHE B 260 21.31 17.72 7.23
N PRO B 261 20.72 17.34 6.10
CA PRO B 261 20.00 18.31 5.29
C PRO B 261 18.89 19.00 6.07
N SER B 262 18.61 20.26 5.71
CA SER B 262 17.79 21.12 6.56
C SER B 262 16.36 20.54 6.75
N ASP B 263 15.76 20.01 5.69
CA ASP B 263 14.40 19.42 5.82
C ASP B 263 14.33 18.01 6.46
N LEU B 264 15.45 17.47 6.92
CA LEU B 264 15.50 16.21 7.66
C LEU B 264 16.05 16.37 9.08
N SER B 265 16.47 17.58 9.47
CA SER B 265 17.13 17.79 10.78
C SER B 265 16.16 17.73 12.00
N SER B 266 14.86 17.86 11.71
CA SER B 266 13.73 17.56 12.64
C SER B 266 13.54 16.05 13.01
N ILE B 267 14.07 15.12 12.21
CA ILE B 267 13.79 13.69 12.41
C ILE B 267 14.78 13.10 13.45
N PRO B 268 14.26 12.36 14.43
CA PRO B 268 15.15 11.75 15.44
C PRO B 268 16.01 10.58 14.94
N PHE B 269 17.05 10.29 15.71
CA PHE B 269 17.85 9.12 15.49
C PHE B 269 17.28 8.06 16.41
N SER B 270 16.39 7.22 15.85
CA SER B 270 15.60 6.22 16.56
C SER B 270 14.82 5.30 15.58
N VAL B 271 14.28 4.19 16.06
CA VAL B 271 13.47 3.31 15.19
C VAL B 271 12.31 4.09 14.58
N ALA B 272 11.71 4.98 15.37
CA ALA B 272 10.59 5.80 14.90
C ALA B 272 11.07 6.86 13.91
N GLY B 273 12.25 7.43 14.14
CA GLY B 273 12.87 8.30 13.14
C GLY B 273 13.14 7.58 11.80
N GLN B 274 13.60 6.33 11.87
CA GLN B 274 13.85 5.49 10.68
C GLN B 274 12.55 5.35 9.87
N GLN B 275 11.47 5.05 10.57
CA GLN B 275 10.13 4.95 9.97
C GLN B 275 9.66 6.25 9.35
N GLU B 276 9.78 7.32 10.12
CA GLU B 276 9.45 8.63 9.62
C GLU B 276 10.24 8.96 8.34
N PHE B 277 11.55 8.74 8.34
CA PHE B 277 12.37 9.03 7.14
C PHE B 277 11.90 8.22 5.92
N LEU B 278 11.84 6.91 6.07
CA LEU B 278 11.30 6.07 5.02
C LEU B 278 9.90 6.49 4.48
N GLU B 279 8.98 6.90 5.35
CA GLU B 279 7.69 7.44 4.91
C GLU B 279 7.88 8.74 4.07
N LYS B 280 8.77 9.63 4.49
CA LYS B 280 8.99 10.90 3.77
C LYS B 280 9.68 10.65 2.41
N LEU B 281 10.68 9.77 2.40
CA LEU B 281 11.36 9.36 1.14
C LEU B 281 10.39 8.72 0.15
N ALA B 282 9.52 7.87 0.67
CA ALA B 282 8.54 7.17 -0.16
C ALA B 282 7.50 8.12 -0.73
N ALA B 283 7.14 9.18 0.01
CA ALA B 283 6.20 10.19 -0.51
C ALA B 283 6.84 10.94 -1.69
N VAL B 284 8.11 11.31 -1.56
CA VAL B 284 8.85 11.89 -2.70
C VAL B 284 8.85 10.91 -3.86
N VAL B 285 9.14 9.62 -3.63
CA VAL B 285 9.12 8.67 -4.72
C VAL B 285 7.71 8.51 -5.31
N GLU B 286 6.71 8.24 -4.48
CA GLU B 286 5.30 8.09 -4.95
C GLU B 286 4.80 9.29 -5.77
N ALA B 287 5.23 10.47 -5.37
CA ALA B 287 4.89 11.70 -6.04
C ALA B 287 5.66 11.93 -7.35
N THR B 288 6.54 11.01 -7.71
CA THR B 288 7.20 11.06 -8.97
C THR B 288 6.49 10.21 -9.99
N THR B 289 6.40 10.70 -11.23
CA THR B 289 5.84 9.93 -12.33
C THR B 289 6.81 8.76 -12.58
N ASP B 290 6.31 7.53 -12.57
CA ASP B 290 7.14 6.29 -12.70
C ASP B 290 8.23 6.13 -11.61
N GLY B 291 8.02 6.73 -10.44
CA GLY B 291 8.87 6.50 -9.26
C GLY B 291 8.52 5.14 -8.69
N LEU B 292 9.38 4.16 -8.96
CA LEU B 292 9.08 2.77 -8.72
C LEU B 292 9.39 2.23 -7.31
N GLY B 293 10.37 2.78 -6.58
CA GLY B 293 10.82 2.05 -5.41
C GLY B 293 11.93 2.63 -4.57
N VAL B 294 12.10 1.97 -3.42
CA VAL B 294 13.11 2.24 -2.43
C VAL B 294 13.69 0.91 -1.96
N TYR B 295 15.02 0.80 -1.96
CA TYR B 295 15.71 -0.35 -1.44
C TYR B 295 16.65 0.14 -0.34
N TYR B 296 16.41 -0.36 0.90
CA TYR B 296 17.28 -0.01 2.04
C TYR B 296 18.59 -0.78 1.84
N TRP B 297 19.71 -0.19 2.21
CA TRP B 297 21.03 -0.84 2.06
C TRP B 297 21.50 -1.54 3.33
N GLU B 298 21.54 -2.86 3.28
CA GLU B 298 22.16 -3.68 4.35
C GLU B 298 21.54 -3.49 5.77
N PRO B 299 20.23 -3.68 5.88
CA PRO B 299 19.55 -3.42 7.17
C PRO B 299 19.96 -4.35 8.33
N ALA B 300 20.51 -5.53 8.01
CA ALA B 300 20.83 -6.53 9.01
C ALA B 300 22.30 -6.88 9.15
N TRP B 301 23.20 -5.95 8.78
CA TRP B 301 24.62 -6.23 8.85
C TRP B 301 25.21 -6.06 10.26
N ILE B 302 24.96 -7.08 11.09
CA ILE B 302 25.57 -7.15 12.42
C ILE B 302 27.09 -7.19 12.24
N GLY B 303 27.82 -6.44 13.06
CA GLY B 303 29.28 -6.31 12.97
C GLY B 303 29.73 -5.08 12.18
N ASN B 304 28.85 -4.49 11.34
CA ASN B 304 29.19 -3.35 10.48
C ASN B 304 28.09 -2.32 10.61
N ALA B 305 27.63 -2.08 11.83
CA ALA B 305 26.42 -1.26 12.08
C ALA B 305 26.44 0.15 11.50
N GLY B 306 27.61 0.72 11.39
CA GLY B 306 27.78 2.02 10.76
C GLY B 306 27.49 2.07 9.26
N LEU B 307 27.57 0.92 8.61
CA LEU B 307 27.41 0.84 7.16
C LEU B 307 28.31 1.84 6.42
N GLY B 308 29.51 2.07 6.96
CA GLY B 308 30.55 2.87 6.31
C GLY B 308 30.45 4.38 6.47
N SER B 309 29.52 4.83 7.33
CA SER B 309 29.25 6.24 7.51
C SER B 309 29.78 6.62 8.88
N SER B 310 29.70 7.91 9.17
CA SER B 310 30.07 8.41 10.49
C SER B 310 29.01 8.15 11.56
N CYS B 311 27.83 7.67 11.18
CA CYS B 311 26.80 7.26 12.16
C CYS B 311 27.15 5.93 12.79
N ALA B 312 26.50 5.65 13.91
CA ALA B 312 26.84 4.47 14.70
C ALA B 312 26.02 3.24 14.33
N ASP B 313 24.72 3.43 14.14
CA ASP B 313 23.83 2.35 13.80
C ASP B 313 22.84 2.82 12.75
N ASN B 314 22.96 2.22 11.58
CA ASN B 314 22.06 2.42 10.45
C ASN B 314 21.24 1.16 10.18
N LEU B 315 21.27 0.23 11.13
CA LEU B 315 20.60 -1.06 10.97
C LEU B 315 19.11 -0.99 11.31
N MET B 316 18.36 -1.92 10.72
CA MET B 316 16.96 -2.16 11.03
C MET B 316 16.79 -3.40 11.92
N VAL B 317 17.85 -3.81 12.62
CA VAL B 317 17.80 -4.89 13.57
C VAL B 317 18.64 -4.49 14.78
N ASP B 318 18.23 -4.98 15.93
CA ASP B 318 18.92 -4.83 17.19
C ASP B 318 20.19 -5.70 17.08
N TYR B 319 21.37 -5.10 17.24
CA TYR B 319 22.59 -5.84 17.03
C TYR B 319 22.98 -6.79 18.17
N THR B 320 22.33 -6.64 19.35
CA THR B 320 22.58 -7.54 20.48
C THR B 320 21.61 -8.70 20.43
N THR B 321 20.31 -8.46 20.22
CA THR B 321 19.32 -9.56 20.14
C THR B 321 19.08 -10.16 18.75
N ASP B 322 19.50 -9.47 17.69
CA ASP B 322 19.24 -9.87 16.29
C ASP B 322 17.75 -9.93 15.91
N GLU B 323 16.89 -9.30 16.74
CA GLU B 323 15.52 -9.08 16.42
C GLU B 323 15.38 -7.86 15.52
N VAL B 324 14.64 -8.04 14.44
CA VAL B 324 14.31 -6.93 13.56
C VAL B 324 13.48 -5.83 14.26
N TYR B 325 13.75 -4.56 13.95
CA TYR B 325 12.89 -3.47 14.37
C TYR B 325 11.60 -3.41 13.57
N GLU B 326 10.62 -2.73 14.14
CA GLU B 326 9.37 -2.41 13.46
C GLU B 326 9.57 -1.68 12.13
N SER B 327 10.66 -0.94 12.01
CA SER B 327 10.90 -0.24 10.78
C SER B 327 10.82 -1.14 9.52
N ILE B 328 11.07 -2.45 9.63
CA ILE B 328 10.87 -3.33 8.46
C ILE B 328 9.45 -3.45 8.00
N GLU B 329 8.51 -3.25 8.91
CA GLU B 329 7.11 -3.24 8.51
C GLU B 329 6.76 -1.98 7.78
N THR B 330 7.33 -0.86 8.21
CA THR B 330 7.15 0.41 7.54
C THR B 330 7.68 0.30 6.10
N LEU B 331 8.89 -0.25 5.94
CA LEU B 331 9.53 -0.46 4.65
C LEU B 331 8.71 -1.33 3.74
N GLY B 332 8.17 -2.42 4.28
CA GLY B 332 7.33 -3.34 3.49
C GLY B 332 5.98 -2.80 3.07
N GLU B 333 5.56 -1.68 3.69
CA GLU B 333 4.27 -1.04 3.41
C GLU B 333 4.38 0.39 2.82
N LEU B 334 5.54 0.77 2.29
CA LEU B 334 5.73 2.04 1.60
C LEU B 334 5.03 2.09 0.22
C1 NAG C . -14.38 -2.27 -17.70
C2 NAG C . -13.98 -1.01 -18.44
C3 NAG C . -12.48 -0.88 -18.25
C4 NAG C . -12.18 -0.68 -16.77
C5 NAG C . -12.61 -1.94 -16.04
C6 NAG C . -12.46 -1.84 -14.53
C7 NAG C . -14.73 -0.20 -20.69
C8 NAG C . -14.78 -0.66 -22.13
N2 NAG C . -14.23 -1.12 -19.86
O3 NAG C . -11.96 0.15 -19.08
O4 NAG C . -10.80 -0.35 -16.43
O5 NAG C . -13.98 -2.16 -16.31
O6 NAG C . -12.48 -0.47 -14.08
O7 NAG C . -15.17 0.92 -20.36
C1 NAG C . -9.81 -1.26 -16.94
C2 NAG C . -8.44 -0.59 -17.15
C3 NAG C . -7.47 -1.64 -17.73
C4 NAG C . -7.46 -2.98 -16.94
C5 NAG C . -8.90 -3.44 -16.80
C6 NAG C . -9.03 -4.73 -16.03
C7 NAG C . -8.58 1.88 -17.63
C8 NAG C . -8.79 2.88 -18.75
N2 NAG C . -8.61 0.59 -18.01
O3 NAG C . -6.13 -1.13 -17.85
O4 NAG C . -6.72 -4.00 -17.63
O5 NAG C . -9.66 -2.42 -16.14
O6 NAG C . -8.52 -4.53 -14.74
O7 NAG C . -8.37 2.22 -16.46
C1 BMA C . -5.74 -4.75 -16.90
C2 BMA C . -5.28 -5.88 -17.81
C3 BMA C . -4.24 -6.73 -17.06
C4 BMA C . -3.07 -5.82 -16.69
C5 BMA C . -3.51 -4.59 -15.87
C6 BMA C . -2.42 -3.54 -15.56
O2 BMA C . -4.75 -5.37 -19.06
O3 BMA C . -3.81 -7.86 -17.85
O4 BMA C . -2.19 -6.67 -15.97
O5 BMA C . -4.61 -3.94 -16.55
O6 BMA C . -2.16 -2.65 -16.65
C1 GAL D . -23.87 8.68 5.89
C2 GAL D . -22.93 8.31 4.71
C3 GAL D . -21.49 8.41 5.13
C4 GAL D . -21.19 9.76 5.74
C5 GAL D . -22.07 9.94 6.96
C6 GAL D . -21.86 11.29 7.67
O1 GAL D . -25.20 9.07 5.51
O2 GAL D . -23.11 7.02 4.09
O3 GAL D . -20.72 8.19 3.94
O4 GAL D . -21.42 10.81 4.83
O5 GAL D . -23.43 9.85 6.57
O6 GAL D . -22.50 11.28 8.97
C1 GAL D . -20.29 11.62 4.39
C2 GAL D . -20.80 12.67 3.38
C3 GAL D . -19.75 13.73 2.95
C4 GAL D . -18.94 14.26 4.15
C5 GAL D . -18.55 13.12 5.11
C6 GAL D . -17.97 13.60 6.44
O2 GAL D . -21.38 11.93 2.27
O3 GAL D . -20.38 14.79 2.23
O4 GAL D . -19.72 15.25 4.86
O5 GAL D . -19.68 12.31 5.47
O6 GAL D . -16.58 13.74 6.27
C1 GAL E . 27.51 3.59 -1.27
C2 GAL E . 27.88 2.23 -1.82
C3 GAL E . 27.66 1.07 -0.85
C4 GAL E . 28.35 1.42 0.49
C5 GAL E . 27.71 2.71 1.00
C6 GAL E . 28.25 3.19 2.35
O1 GAL E . 28.33 4.54 -1.95
O2 GAL E . 27.13 1.92 -2.97
O3 GAL E . 28.14 -0.12 -1.53
O4 GAL E . 29.76 1.57 0.32
O5 GAL E . 27.83 3.82 0.09
O6 GAL E . 27.36 4.23 2.83
C1 GAL E . 30.63 0.58 0.84
C2 GAL E . 32.04 1.05 0.51
C3 GAL E . 33.11 0.13 1.13
C4 GAL E . 32.87 -0.04 2.63
C5 GAL E . 31.37 -0.37 2.93
C6 GAL E . 31.00 -0.45 4.40
O2 GAL E . 32.16 1.12 -0.92
O3 GAL E . 34.45 0.51 0.79
O4 GAL E . 33.26 1.17 3.34
O5 GAL E . 30.44 0.48 2.24
O6 GAL E . 31.67 -1.55 4.95
C1 NAG F . 33.17 -15.11 -20.02
C2 NAG F . 34.59 -15.51 -19.75
C3 NAG F . 34.56 -16.81 -18.96
C4 NAG F . 33.77 -16.63 -17.68
C5 NAG F . 32.36 -16.17 -17.99
C6 NAG F . 31.56 -15.87 -16.73
C7 NAG F . 36.53 -15.54 -21.34
C8 NAG F . 36.93 -15.91 -22.75
N2 NAG F . 35.22 -15.73 -21.03
O3 NAG F . 35.87 -17.29 -18.67
O4 NAG F . 33.81 -17.77 -16.78
O5 NAG F . 32.42 -14.99 -18.81
O6 NAG F . 32.16 -14.75 -16.06
O7 NAG F . 37.36 -15.06 -20.57
C1 NAG F . 33.22 -19.01 -17.22
C2 NAG F . 33.80 -20.13 -16.36
C3 NAG F . 33.28 -21.48 -16.85
C4 NAG F . 31.77 -21.51 -16.88
C5 NAG F . 31.25 -20.31 -17.66
C6 NAG F . 29.71 -20.26 -17.71
C7 NAG F . 35.96 -19.50 -15.30
C8 NAG F . 37.46 -19.60 -15.44
N2 NAG F . 35.26 -20.09 -16.30
O3 NAG F . 33.68 -22.53 -16.00
O4 NAG F . 31.43 -22.74 -17.53
O5 NAG F . 31.80 -19.10 -17.12
O6 NAG F . 29.13 -19.76 -16.51
O7 NAG F . 35.42 -18.94 -14.33
C1 BMA F . 30.41 -23.42 -16.81
C2 BMA F . 29.52 -24.18 -17.79
C3 BMA F . 28.43 -24.86 -16.96
C4 BMA F . 29.01 -25.64 -15.75
C5 BMA F . 30.06 -24.86 -14.93
C6 BMA F . 30.72 -25.62 -13.74
O2 BMA F . 30.30 -25.10 -18.59
O3 BMA F . 27.67 -25.73 -17.81
O4 BMA F . 27.91 -25.94 -14.90
O5 BMA F . 31.00 -24.35 -15.88
O6 BMA F . 32.08 -26.08 -13.90
C1 PEG G . -18.20 17.92 5.41
O1 PEG G . -17.50 17.22 6.44
C2 PEG G . -19.73 17.84 5.56
O2 PEG G . -20.29 19.02 6.15
C3 PEG G . -19.86 19.26 7.52
C4 PEG G . -21.03 19.70 8.40
O4 PEG G . -20.56 20.09 9.69
C1 PEG H . -28.44 13.19 29.05
O1 PEG H . -27.91 12.23 29.96
C2 PEG H . -27.80 13.03 27.67
O2 PEG H . -26.67 13.90 27.45
C3 PEG H . -25.65 13.89 28.49
C4 PEG H . -24.26 14.38 28.01
O4 PEG H . -23.12 13.76 28.67
CA CA I . -7.95 -10.00 21.19
CA CA J . 0.62 3.98 0.82
CA CA K . -7.81 -5.31 27.76
CA CA L . -34.19 14.90 -7.24
O1 PG4 M . -30.66 6.30 10.99
C1 PG4 M . -30.34 7.28 10.00
C2 PG4 M . -29.47 6.74 8.85
O2 PG4 M . -29.50 7.60 7.69
C3 PG4 M . -29.02 8.95 7.87
C4 PG4 M . -28.16 9.45 6.72
O3 PG4 M . -28.97 10.38 5.98
C5 PG4 M . -28.25 11.10 4.98
C6 PG4 M . -27.35 12.12 5.66
O4 PG4 M . -26.04 11.60 5.63
C7 PG4 M . -25.31 11.96 4.45
C8 PG4 M . -24.29 13.07 4.68
O5 PG4 M . -24.78 14.08 5.60
C1 EDO N . -26.77 -4.84 -20.21
O1 EDO N . -28.01 -5.33 -19.73
C2 EDO N . -25.78 -5.04 -19.07
O2 EDO N . -26.18 -6.20 -18.31
C1 EDO O . -13.40 15.38 4.12
O1 EDO O . -14.75 15.63 3.67
C2 EDO O . -13.00 16.50 5.09
O2 EDO O . -11.86 16.17 5.94
C1 EDO P . 5.53 2.02 21.48
O1 EDO P . 5.01 3.37 21.50
C2 EDO P . 6.07 1.66 22.87
O2 EDO P . 5.15 0.90 23.68
C1 EDO Q . 5.57 11.26 7.04
O1 EDO Q . 5.46 12.02 8.26
C2 EDO Q . 4.67 11.78 5.87
O2 EDO Q . 5.14 12.92 5.10
C1 EDO R . 0.80 15.95 12.52
O1 EDO R . 0.96 17.07 11.65
C2 EDO R . 0.95 14.68 11.68
O2 EDO R . 2.02 13.90 12.21
C1 EDO S . -43.86 -8.28 -1.37
O1 EDO S . -43.61 -9.53 -0.74
C2 EDO S . -44.77 -7.41 -0.51
O2 EDO S . -44.36 -6.05 -0.70
C1 EDO T . -45.90 -6.13 9.26
O1 EDO T . -45.65 -7.51 9.57
C2 EDO T . -46.01 -6.02 7.74
O2 EDO T . -45.94 -4.63 7.39
C ACT U . -5.96 7.72 25.86
O ACT U . -7.16 8.08 25.81
OXT ACT U . -5.05 8.39 25.28
CH3 ACT U . -5.70 6.44 26.62
C ACT V . -6.09 17.22 14.42
O ACT V . -6.89 17.68 15.28
OXT ACT V . -5.33 16.29 14.74
CH3 ACT V . -6.04 17.82 13.02
C1 PG6 W . -35.85 11.23 -0.46
O1 PG6 W . -36.28 9.96 -1.01
C2 PG6 W . -37.50 10.00 -1.79
C3 PG6 W . -38.38 8.75 -1.59
O2 PG6 W . -39.82 8.98 -1.54
C4 PG6 W . -40.51 8.67 -0.29
C5 PG6 W . -42.01 8.26 -0.42
O3 PG6 W . -42.43 7.29 0.57
C6 PG6 W . -43.55 7.67 1.42
C7 PG6 W . -43.65 6.78 2.68
O4 PG6 W . -42.70 7.12 3.73
C8 PG6 W . -43.17 7.72 4.98
C9 PG6 W . -42.07 7.89 6.08
O5 PG6 W . -41.42 9.20 6.18
C10 PG6 W . -40.19 9.33 6.95
C11 PG6 W . -39.41 10.61 6.60
O6 PG6 W . -38.05 10.35 6.13
C12 PG6 W . -37.44 11.49 5.49
C1 PEG X . 17.35 15.20 16.27
O1 PEG X . 17.75 13.91 16.76
C2 PEG X . 15.87 15.48 16.57
O2 PEG X . 15.65 16.56 17.51
C3 PEG X . 16.14 16.35 18.86
C4 PEG X . 15.51 17.38 19.79
O4 PEG X . 16.50 18.34 20.24
C1 PEG Y . 34.59 12.12 -7.18
O1 PEG Y . 34.19 11.33 -6.04
C2 PEG Y . 33.41 12.73 -7.95
O2 PEG Y . 33.84 13.78 -8.84
C3 PEG Y . 32.96 14.08 -9.95
C4 PEG Y . 33.20 13.19 -11.19
O4 PEG Y . 32.50 13.73 -12.32
CA CA Z . 28.22 -20.54 2.71
CA CA AA . 42.93 -4.30 -30.05
CA CA BA . 26.35 -1.39 -3.47
O1 PG4 CA . 1.94 0.89 9.68
C1 PG4 CA . 1.99 0.97 8.23
C2 PG4 CA . 2.48 2.34 7.72
O2 PG4 CA . 2.23 3.42 8.64
C3 PG4 CA . 3.34 4.30 8.93
C4 PG4 CA . 3.03 5.27 10.10
O3 PG4 CA . 4.16 5.58 10.95
C5 PG4 CA . 4.27 4.70 12.09
C6 PG4 CA . 5.57 4.85 12.89
O4 PG4 CA . 5.56 5.89 13.89
C7 PG4 CA . 6.06 7.14 13.37
C8 PG4 CA . 6.12 8.23 14.43
O5 PG4 CA . 6.86 9.33 13.87
C1 EDO DA . 28.81 -13.96 17.40
O1 EDO DA . 30.10 -14.51 17.15
C2 EDO DA . 27.80 -14.84 16.70
O2 EDO DA . 27.14 -15.67 17.67
C1 EDO EA . 32.82 -6.05 7.21
O1 EDO EA . 33.20 -6.87 8.35
C2 EDO EA . 33.56 -4.69 7.07
O2 EDO EA . 33.56 -4.21 5.70
C1 EDO FA . 28.52 18.50 11.67
O1 EDO FA . 29.46 19.58 11.59
C2 EDO FA . 28.36 18.09 13.12
O2 EDO FA . 27.02 18.35 13.52
C1 EDO GA . 23.59 11.24 -31.39
O1 EDO GA . 22.81 11.69 -30.29
C2 EDO GA . 25.03 11.69 -31.12
O2 EDO GA . 25.83 11.69 -32.31
C1 EDO HA . 27.97 -8.48 19.77
O1 EDO HA . 26.98 -7.60 20.35
C2 EDO HA . 27.73 -8.77 18.27
O2 EDO HA . 27.91 -7.59 17.47
C1 EDO IA . 3.81 -12.82 -1.27
O1 EDO IA . 2.94 -11.88 -0.62
C2 EDO IA . 4.96 -13.29 -0.37
O2 EDO IA . 4.54 -13.97 0.86
C ACT JA . 32.30 -5.53 -29.25
O ACT JA . 32.08 -6.15 -28.15
OXT ACT JA . 31.39 -5.38 -30.13
CH3 ACT JA . 33.67 -4.95 -29.50
C1 PGE KA . 29.28 18.59 -12.64
O1 PGE KA . 30.11 18.45 -13.79
C2 PGE KA . 28.32 19.80 -12.72
O2 PGE KA . 27.37 19.76 -11.64
C3 PGE KA . 27.73 20.53 -10.47
C4 PGE KA . 26.91 20.19 -9.20
O4 PGE KA . 28.35 17.43 -5.65
C6 PGE KA . 27.54 17.73 -6.78
C5 PGE KA . 27.11 19.21 -6.93
O3 PGE KA . 27.74 19.89 -8.06
#